data_6HGC
#
_entry.id   6HGC
#
_cell.length_a   119.505
_cell.length_b   119.505
_cell.length_c   408.900
_cell.angle_alpha   90.000
_cell.angle_beta   90.000
_cell.angle_gamma   120.000
#
_symmetry.space_group_name_H-M   'P 61 2 2'
#
loop_
_entity.id
_entity.type
_entity.pdbx_description
1 polymer 'Ubiquitin carboxyl-terminal hydrolase calypso,Ubiquitin carboxyl-terminal hydrolase calypso'
2 polymer 'Polycomb protein Asx'
3 polymer 'Ubiquitin carboxyl-terminal hydrolase calypso,Ubiquitin carboxyl-terminal hydrolase calypso'
#
loop_
_entity_poly.entity_id
_entity_poly.type
_entity_poly.pdbx_seq_one_letter_code
_entity_poly.pdbx_strand_id
1 'polypeptide(L)'
;ADGWLELESDPGLFTLLLKDFGCHDVQVEEVYDLQKPIESPYGFIFLFRWIEERRARRKIVETTAEIFVKDEEAISSIFF
AQQVVPNSCATHALLSVLLNCNENNLQLGDTLSRLKTHTKGMSPENKGLAIGNTPELACAHNSHAMPQARRRLERTGAGV
SSCRFTGEAFHFVSFVPINGQLFELDGLKPYPMNHGGWEDSEDWTDKFRRVMAERLGIATGEQDIRFNLMAVVPDRRIAI
THKLKMLRTNQAIVSGTLQKLLKAGSGSGSARDLQSLLKNLDTEIAINEQHLADENDRRHMFKVDASRRTHNYDKFICTF
LSMLAHQGVLGELVSQHLLPS
;
A
2 'polypeptide(L)'
;KIDLETPDSILASTNLRALLNKQTFSLLPPLYQYNLIQLLPSVDREASELEQPSSSASGGSPSEAIRLSASCLNNEFFAR
ACLEWRERLSEGEFTPENQLKLKTEAEREK
;
C
3 'polypeptide(L)'
;ADGWLELESDPGLFTLLLKDFGCHDVQVEEVYDLQKPIESPYGFIFLFRWIEERRARRKIVETTAEIFVKDEEAISSIFF
AQQVVPNSCATHALLSVLLNCNENNLQLGDTLSRLKTHTKGMSPENKGLAIGNTPELACAHNSHAMPQARRRLERTGAGV
SSCRFTGEAFHFVSFVPINGQLFELDGLKPYPMNHGGWEDSEDWTDKFRRVMAERLGIATGEQDIRFNLMAVVPDRRIAI
THKLKMLRTNQAIVSGTLQKLLKAGSGSGSARDLQSLLKNLDTEIAINEQHLADENDRRHMFKVDASRRT
;
B
#
# COMPACT_ATOMS: atom_id res chain seq x y z
N ALA A 1 -2.05 38.02 4.44
CA ALA A 1 -2.66 38.00 3.12
C ALA A 1 -1.61 38.27 2.03
N ASP A 2 -0.34 38.07 2.38
CA ASP A 2 0.75 38.35 1.44
C ASP A 2 0.67 37.45 0.21
N GLY A 3 0.48 36.15 0.42
CA GLY A 3 0.41 35.23 -0.68
C GLY A 3 1.62 34.34 -0.83
N TRP A 4 1.40 33.03 -0.87
CA TRP A 4 2.45 32.06 -1.13
C TRP A 4 2.28 31.50 -2.54
N LEU A 5 3.29 30.76 -2.99
CA LEU A 5 3.20 30.15 -4.31
C LEU A 5 2.33 28.90 -4.25
N GLU A 6 1.88 28.46 -5.42
CA GLU A 6 0.96 27.35 -5.51
C GLU A 6 1.73 26.05 -5.76
N LEU A 7 1.35 25.01 -5.03
CA LEU A 7 2.03 23.71 -5.11
C LEU A 7 1.13 22.69 -5.79
N GLU A 8 1.78 21.66 -6.34
CA GLU A 8 1.05 20.52 -6.88
C GLU A 8 0.73 19.54 -5.75
N SER A 9 -0.31 18.74 -5.97
CA SER A 9 -0.79 17.77 -4.99
C SER A 9 -0.13 16.43 -5.28
N ASP A 10 0.98 16.15 -4.58
CA ASP A 10 1.73 14.91 -4.77
C ASP A 10 2.20 14.41 -3.41
N PRO A 11 1.99 13.13 -3.11
CA PRO A 11 2.46 12.60 -1.82
C PRO A 11 3.97 12.75 -1.63
N GLY A 12 4.74 12.55 -2.70
CA GLY A 12 6.18 12.78 -2.59
C GLY A 12 6.52 14.24 -2.33
N LEU A 13 5.79 15.15 -2.98
CA LEU A 13 5.97 16.58 -2.71
C LEU A 13 5.73 16.88 -1.24
N PHE A 14 4.64 16.34 -0.68
CA PHE A 14 4.32 16.65 0.71
C PHE A 14 5.31 15.99 1.67
N THR A 15 5.77 14.79 1.35
CA THR A 15 6.81 14.15 2.16
C THR A 15 8.08 15.00 2.19
N LEU A 16 8.53 15.46 1.03
CA LEU A 16 9.73 16.29 0.99
C LEU A 16 9.50 17.64 1.67
N LEU A 17 8.26 18.16 1.60
CA LEU A 17 7.94 19.41 2.28
C LEU A 17 8.07 19.25 3.79
N LEU A 18 7.45 18.19 4.34
CA LEU A 18 7.55 17.95 5.77
C LEU A 18 9.00 17.70 6.20
N LYS A 19 9.78 17.03 5.35
CA LYS A 19 11.20 16.87 5.65
C LYS A 19 11.91 18.22 5.66
N ASP A 20 11.50 19.14 4.79
CA ASP A 20 12.09 20.47 4.78
C ASP A 20 11.61 21.34 5.93
N PHE A 21 10.52 20.96 6.59
CA PHE A 21 10.10 21.62 7.82
C PHE A 21 10.90 21.19 9.04
N GLY A 22 11.87 20.29 8.86
CA GLY A 22 12.64 19.75 9.96
C GLY A 22 12.02 18.57 10.67
N CYS A 23 10.84 18.12 10.23
CA CYS A 23 10.15 16.97 10.82
C CYS A 23 10.52 15.74 10.01
N HIS A 24 11.40 14.90 10.56
CA HIS A 24 12.09 13.88 9.79
C HIS A 24 11.56 12.47 9.99
N ASP A 25 10.54 12.27 10.82
CA ASP A 25 9.97 10.94 11.05
C ASP A 25 8.53 10.84 10.53
N VAL A 26 8.25 11.53 9.42
CA VAL A 26 6.90 11.57 8.86
C VAL A 26 6.98 11.43 7.35
N GLN A 27 5.96 10.78 6.78
CA GLN A 27 5.90 10.53 5.35
C GLN A 27 4.43 10.52 4.92
N VAL A 28 4.15 11.15 3.79
CA VAL A 28 2.80 11.21 3.23
C VAL A 28 2.70 10.21 2.09
N GLU A 29 1.61 9.44 2.08
CA GLU A 29 1.36 8.44 1.06
C GLU A 29 -0.12 8.48 0.67
N GLU A 30 -0.39 8.31 -0.62
CA GLU A 30 -1.75 8.41 -1.10
C GLU A 30 -2.54 7.15 -0.75
N VAL A 31 -3.84 7.33 -0.52
CA VAL A 31 -4.75 6.26 -0.15
C VAL A 31 -5.61 5.95 -1.38
N TYR A 32 -5.21 4.94 -2.15
CA TYR A 32 -6.02 4.52 -3.29
C TYR A 32 -7.24 3.72 -2.84
N ASP A 33 -7.02 2.72 -1.97
CA ASP A 33 -8.10 1.90 -1.44
C ASP A 33 -8.32 2.29 0.02
N LEU A 34 -9.56 2.65 0.35
CA LEU A 34 -9.87 3.08 1.71
C LEU A 34 -9.84 1.92 2.70
N GLN A 35 -10.19 0.71 2.24
CA GLN A 35 -10.29 -0.44 3.15
C GLN A 35 -8.95 -1.11 3.40
N LYS A 36 -7.94 -0.86 2.57
CA LYS A 36 -6.64 -1.46 2.79
C LYS A 36 -6.08 -1.01 4.13
N PRO A 37 -5.46 -1.90 4.90
CA PRO A 37 -4.97 -1.51 6.23
C PRO A 37 -3.82 -0.52 6.14
N ILE A 38 -3.86 0.48 7.02
CA ILE A 38 -2.78 1.43 7.22
C ILE A 38 -2.30 1.30 8.66
N GLU A 39 -1.00 1.21 8.85
CA GLU A 39 -0.44 1.00 10.17
C GLU A 39 0.06 2.31 10.76
N SER A 40 -0.38 2.60 11.98
CA SER A 40 0.05 3.76 12.75
C SER A 40 -0.05 5.11 12.02
N PRO A 41 -1.23 5.46 11.47
CA PRO A 41 -1.36 6.76 10.81
C PRO A 41 -1.56 7.87 11.82
N TYR A 42 -0.77 8.95 11.69
CA TYR A 42 -0.96 10.13 12.51
C TYR A 42 -2.23 10.89 12.13
N GLY A 43 -2.66 10.78 10.88
CA GLY A 43 -3.85 11.49 10.44
C GLY A 43 -4.04 11.34 8.95
N PHE A 44 -5.08 12.03 8.46
CA PHE A 44 -5.46 11.98 7.05
C PHE A 44 -5.67 13.39 6.52
N ILE A 45 -5.43 13.55 5.22
CA ILE A 45 -5.65 14.81 4.50
C ILE A 45 -6.52 14.51 3.30
N PHE A 46 -7.65 15.20 3.21
CA PHE A 46 -8.65 14.96 2.17
C PHE A 46 -8.72 16.17 1.26
N LEU A 47 -8.47 15.96 -0.03
CA LEU A 47 -8.47 17.00 -1.04
C LEU A 47 -9.68 16.83 -1.94
N PHE A 48 -10.47 17.88 -2.10
CA PHE A 48 -11.63 17.82 -3.00
C PHE A 48 -11.60 19.01 -3.95
N ARG A 49 -12.44 18.92 -4.99
CA ARG A 49 -12.25 19.68 -6.21
C ARG A 49 -13.51 19.61 -7.06
N TRP A 50 -13.86 20.72 -7.68
CA TRP A 50 -14.88 20.77 -8.74
C TRP A 50 -16.21 20.19 -8.30
N ILE A 51 -16.62 20.51 -7.07
CA ILE A 51 -17.92 20.05 -6.56
C ILE A 51 -18.62 21.22 -5.88
N GLU A 52 -19.95 21.17 -5.88
CA GLU A 52 -20.76 22.22 -5.28
C GLU A 52 -20.43 22.41 -3.80
N ILE A 67 -22.77 19.56 15.28
CA ILE A 67 -21.64 18.77 15.74
C ILE A 67 -20.36 19.58 15.62
N PHE A 68 -20.47 20.89 15.84
CA PHE A 68 -19.35 21.81 15.79
C PHE A 68 -18.85 22.09 17.22
N VAL A 69 -17.54 22.07 17.39
CA VAL A 69 -16.96 22.60 18.62
C VAL A 69 -17.03 24.12 18.55
N LYS A 70 -17.91 24.71 19.35
CA LYS A 70 -18.12 26.15 19.35
C LYS A 70 -17.63 26.83 20.61
N ASP A 71 -17.14 26.07 21.59
CA ASP A 71 -16.63 26.66 22.82
C ASP A 71 -15.34 27.41 22.53
N GLU A 72 -15.29 28.69 22.91
CA GLU A 72 -14.12 29.52 22.62
C GLU A 72 -12.87 29.04 23.36
N GLU A 73 -13.04 28.31 24.46
CA GLU A 73 -11.89 27.74 25.16
C GLU A 73 -11.47 26.39 24.60
N ALA A 74 -12.43 25.64 24.04
CA ALA A 74 -12.10 24.32 23.48
C ALA A 74 -11.39 24.44 22.14
N ILE A 75 -11.86 25.34 21.27
CA ILE A 75 -11.20 25.51 19.97
C ILE A 75 -9.82 26.13 20.12
N SER A 76 -9.57 26.84 21.21
CA SER A 76 -8.25 27.39 21.46
C SER A 76 -7.32 26.42 22.18
N SER A 77 -7.88 25.43 22.89
CA SER A 77 -7.07 24.44 23.59
C SER A 77 -6.48 23.41 22.64
N ILE A 78 -6.89 23.40 21.38
CA ILE A 78 -6.35 22.49 20.37
C ILE A 78 -5.88 23.32 19.20
N PHE A 79 -4.97 22.75 18.41
CA PHE A 79 -4.41 23.48 17.27
C PHE A 79 -5.40 23.42 16.12
N PHE A 80 -6.32 24.36 16.11
CA PHE A 80 -7.22 24.61 14.98
C PHE A 80 -6.87 25.97 14.44
N ALA A 81 -6.08 26.00 13.37
CA ALA A 81 -5.64 27.24 12.75
C ALA A 81 -6.57 27.59 11.60
N GLN A 82 -6.67 28.89 11.32
CA GLN A 82 -7.51 29.41 10.26
C GLN A 82 -6.62 29.92 9.12
N GLN A 83 -6.90 29.46 7.91
CA GLN A 83 -6.05 29.78 6.76
C GLN A 83 -6.17 31.27 6.41
N VAL A 84 -5.14 32.03 6.75
CA VAL A 84 -5.10 33.45 6.40
C VAL A 84 -4.32 33.67 5.11
N VAL A 85 -3.17 33.03 4.98
CA VAL A 85 -2.40 33.11 3.74
C VAL A 85 -3.14 32.32 2.64
N PRO A 86 -3.31 32.89 1.44
CA PRO A 86 -4.21 32.28 0.45
C PRO A 86 -3.77 30.92 -0.10
N ASN A 87 -2.51 30.78 -0.52
CA ASN A 87 -2.07 29.58 -1.22
C ASN A 87 -1.30 28.62 -0.32
N SER A 88 -1.62 28.58 0.97
CA SER A 88 -0.88 27.79 1.94
C SER A 88 -1.65 26.54 2.38
N CYS A 89 -2.47 25.99 1.49
CA CYS A 89 -3.45 24.98 1.90
C CYS A 89 -2.77 23.66 2.29
N ALA A 90 -1.81 23.21 1.48
CA ALA A 90 -1.12 21.95 1.77
C ALA A 90 -0.37 22.04 3.09
N THR A 91 0.40 23.11 3.28
CA THR A 91 1.10 23.33 4.55
C THR A 91 0.10 23.39 5.71
N HIS A 92 -1.03 24.07 5.51
CA HIS A 92 -2.00 24.21 6.58
C HIS A 92 -2.57 22.86 6.99
N ALA A 93 -2.92 22.01 6.03
CA ALA A 93 -3.46 20.70 6.37
C ALA A 93 -2.41 19.82 7.03
N LEU A 94 -1.19 19.82 6.50
CA LEU A 94 -0.13 19.02 7.10
C LEU A 94 0.15 19.46 8.54
N LEU A 95 0.11 20.76 8.78
CA LEU A 95 0.36 21.26 10.14
C LEU A 95 -0.80 20.95 11.06
N SER A 96 -2.04 21.09 10.57
CA SER A 96 -3.20 20.72 11.38
C SER A 96 -3.14 19.25 11.79
N VAL A 97 -2.54 18.40 10.95
CA VAL A 97 -2.38 17.01 11.35
C VAL A 97 -1.22 16.85 12.34
N LEU A 98 -0.06 17.41 12.03
CA LEU A 98 1.15 17.12 12.80
C LEU A 98 1.11 17.77 14.19
N LEU A 99 0.73 19.05 14.26
CA LEU A 99 0.74 19.77 15.54
C LEU A 99 -0.35 19.31 16.48
N ASN A 100 -1.25 18.42 16.03
CA ASN A 100 -2.21 17.76 16.91
C ASN A 100 -1.74 16.35 17.30
N CYS A 101 -0.46 16.06 17.12
CA CYS A 101 0.17 14.85 17.62
C CYS A 101 1.02 15.19 18.84
N ASN A 102 1.34 14.17 19.62
CA ASN A 102 1.99 14.38 20.90
C ASN A 102 3.46 13.95 20.84
N GLU A 103 4.04 13.64 22.00
CA GLU A 103 5.48 13.50 22.11
C GLU A 103 5.92 12.08 21.78
N ASN A 104 5.03 11.10 21.95
CA ASN A 104 5.47 9.71 22.04
C ASN A 104 6.04 9.21 20.72
N ASN A 105 5.36 9.49 19.62
CA ASN A 105 5.71 8.83 18.37
C ASN A 105 6.73 9.63 17.54
N LEU A 106 6.47 10.92 17.33
CA LEU A 106 7.30 11.71 16.43
C LEU A 106 7.94 12.89 17.16
N GLN A 107 9.05 13.35 16.62
CA GLN A 107 9.66 14.61 17.00
C GLN A 107 9.39 15.60 15.86
N LEU A 108 8.59 16.62 16.14
CA LEU A 108 8.47 17.73 15.22
C LEU A 108 9.83 18.42 15.08
N GLY A 109 9.96 19.22 14.03
CA GLY A 109 11.18 19.98 13.85
C GLY A 109 11.44 20.95 14.98
N ASP A 110 12.56 21.66 14.95
CA ASP A 110 12.73 22.74 15.91
C ASP A 110 11.76 23.87 15.61
N THR A 111 11.58 24.22 14.33
CA THR A 111 10.66 25.30 13.98
C THR A 111 9.22 24.92 14.26
N LEU A 112 8.86 23.65 14.02
CA LEU A 112 7.48 23.23 14.26
C LEU A 112 7.17 23.16 15.75
N SER A 113 8.12 22.71 16.56
CA SER A 113 7.92 22.71 18.01
C SER A 113 7.81 24.13 18.55
N ARG A 114 8.65 25.05 18.05
CA ARG A 114 8.54 26.44 18.45
C ARG A 114 7.20 27.02 18.04
N LEU A 115 6.73 26.71 16.83
CA LEU A 115 5.42 27.17 16.40
C LEU A 115 4.33 26.60 17.29
N LYS A 116 4.48 25.35 17.74
CA LYS A 116 3.44 24.74 18.56
C LYS A 116 3.38 25.38 19.94
N THR A 117 4.54 25.55 20.59
CA THR A 117 4.53 26.20 21.90
C THR A 117 4.11 27.65 21.81
N HIS A 118 4.45 28.33 20.71
CA HIS A 118 4.12 29.74 20.56
C HIS A 118 2.62 29.97 20.44
N THR A 119 1.88 29.00 19.91
CA THR A 119 0.45 29.13 19.63
C THR A 119 -0.38 28.25 20.56
N LYS A 120 -0.07 28.25 21.85
CA LYS A 120 -0.69 27.31 22.77
C LYS A 120 -2.18 27.63 22.99
N GLY A 121 -2.47 28.86 23.38
CA GLY A 121 -3.85 29.21 23.68
C GLY A 121 -4.44 30.25 22.76
N MET A 122 -3.88 30.38 21.55
CA MET A 122 -4.28 31.43 20.63
C MET A 122 -5.56 31.07 19.89
N SER A 123 -6.27 32.11 19.45
CA SER A 123 -7.45 31.92 18.63
C SER A 123 -7.04 31.35 17.27
N PRO A 124 -7.99 30.71 16.56
CA PRO A 124 -7.66 30.17 15.22
C PRO A 124 -7.03 31.19 14.29
N GLU A 125 -7.51 32.44 14.33
CA GLU A 125 -6.92 33.49 13.51
C GLU A 125 -5.46 33.68 13.86
N ASN A 126 -5.14 33.87 15.14
CA ASN A 126 -3.76 34.12 15.55
C ASN A 126 -2.86 32.97 15.16
N LYS A 127 -3.35 31.73 15.25
CA LYS A 127 -2.54 30.58 14.83
C LYS A 127 -2.28 30.61 13.32
N GLY A 128 -3.31 30.94 12.53
CA GLY A 128 -3.09 31.08 11.10
C GLY A 128 -2.09 32.18 10.77
N LEU A 129 -2.13 33.28 11.51
CA LEU A 129 -1.17 34.36 11.29
C LEU A 129 0.24 33.92 11.66
N ALA A 130 0.38 33.18 12.76
CA ALA A 130 1.68 32.64 13.14
C ALA A 130 2.21 31.74 12.03
N ILE A 131 1.35 30.88 11.46
CA ILE A 131 1.74 30.07 10.31
C ILE A 131 2.25 30.95 9.19
N GLY A 132 1.46 31.96 8.81
CA GLY A 132 1.81 32.77 7.66
C GLY A 132 3.07 33.59 7.84
N ASN A 133 3.38 33.98 9.07
CA ASN A 133 4.55 34.81 9.36
C ASN A 133 5.69 34.00 9.97
N THR A 134 5.88 32.77 9.51
CA THR A 134 7.05 31.97 9.88
C THR A 134 7.94 31.85 8.65
N PRO A 135 9.08 32.56 8.61
CA PRO A 135 9.89 32.55 7.38
C PRO A 135 10.33 31.16 6.94
N GLU A 136 10.63 30.27 7.89
CA GLU A 136 11.06 28.92 7.54
C GLU A 136 9.97 28.19 6.75
N LEU A 137 8.73 28.26 7.24
CA LEU A 137 7.63 27.55 6.58
C LEU A 137 7.37 28.11 5.19
N ALA A 138 7.33 29.45 5.06
CA ALA A 138 7.09 30.06 3.76
C ALA A 138 8.20 29.72 2.78
N CYS A 139 9.45 29.78 3.23
CA CYS A 139 10.58 29.46 2.36
C CYS A 139 10.51 28.01 1.88
N ALA A 140 10.28 27.08 2.81
CA ALA A 140 10.21 25.67 2.43
C ALA A 140 9.02 25.38 1.52
N HIS A 141 7.88 26.05 1.75
CA HIS A 141 6.71 25.84 0.91
C HIS A 141 6.94 26.36 -0.49
N ASN A 142 7.47 27.58 -0.62
CA ASN A 142 7.68 28.18 -1.93
C ASN A 142 8.83 27.54 -2.67
N SER A 143 9.72 26.83 -1.97
CA SER A 143 10.81 26.13 -2.66
C SER A 143 10.30 25.02 -3.56
N HIS A 144 9.11 24.49 -3.29
CA HIS A 144 8.54 23.38 -4.05
C HIS A 144 7.63 23.83 -5.17
N ALA A 145 7.58 25.13 -5.47
CA ALA A 145 6.70 25.63 -6.51
C ALA A 145 7.35 25.51 -7.88
N MET A 146 6.51 25.28 -8.89
CA MET A 146 6.95 25.25 -10.26
C MET A 146 7.16 26.66 -10.79
N PRO A 147 7.96 26.83 -11.85
CA PRO A 147 8.13 28.18 -12.42
C PRO A 147 6.83 28.78 -12.91
N GLN A 148 5.89 27.94 -13.37
CA GLN A 148 4.58 28.42 -13.77
C GLN A 148 3.91 29.19 -12.64
N ALA A 149 3.96 28.65 -11.42
CA ALA A 149 3.34 29.32 -10.28
C ALA A 149 4.04 30.64 -9.98
N ARG A 150 5.36 30.68 -10.10
CA ARG A 150 6.09 31.91 -9.82
C ARG A 150 5.70 33.01 -10.79
N ARG A 151 5.69 32.71 -12.09
CA ARG A 151 5.34 33.76 -13.05
C ARG A 151 3.85 34.05 -13.05
N ARG A 152 3.02 33.09 -12.62
CA ARG A 152 1.59 33.33 -12.48
C ARG A 152 1.31 34.26 -11.31
N LEU A 153 2.16 34.22 -10.27
CA LEU A 153 2.03 35.15 -9.16
C LEU A 153 1.93 36.60 -9.62
N GLU A 154 2.53 36.90 -10.77
CA GLU A 154 2.46 38.25 -11.35
C GLU A 154 1.27 38.38 -12.30
N GLU A 168 -9.15 25.46 -11.31
CA GLU A 168 -9.31 25.61 -9.87
C GLU A 168 -8.41 24.64 -9.10
N ALA A 169 -7.85 25.10 -7.99
CA ALA A 169 -7.01 24.29 -7.13
C ALA A 169 -7.84 23.55 -6.09
N PHE A 170 -7.16 22.70 -5.33
CA PHE A 170 -7.81 21.80 -4.38
C PHE A 170 -8.14 22.51 -3.07
N HIS A 171 -9.09 21.92 -2.33
N HIS A 171 -9.08 21.90 -2.33
CA HIS A 171 -9.44 22.34 -0.98
CA HIS A 171 -9.45 22.34 -0.99
C HIS A 171 -9.09 21.21 -0.03
C HIS A 171 -9.11 21.21 -0.02
N PHE A 172 -8.35 21.54 1.03
CA PHE A 172 -7.83 20.55 1.96
C PHE A 172 -8.65 20.52 3.24
N VAL A 173 -8.78 19.31 3.80
CA VAL A 173 -9.43 19.09 5.08
C VAL A 173 -8.64 18.03 5.83
N SER A 174 -8.32 18.29 7.09
CA SER A 174 -7.51 17.37 7.90
C SER A 174 -8.41 16.54 8.82
N PHE A 175 -8.03 15.28 9.01
CA PHE A 175 -8.69 14.39 9.95
C PHE A 175 -7.66 13.87 10.94
N VAL A 176 -7.94 14.02 12.23
CA VAL A 176 -6.95 13.64 13.24
C VAL A 176 -7.61 13.23 14.55
N PRO A 177 -7.14 12.16 15.22
CA PRO A 177 -7.65 11.85 16.56
C PRO A 177 -6.92 12.68 17.62
N ILE A 178 -7.69 13.29 18.52
CA ILE A 178 -7.11 14.09 19.60
C ILE A 178 -7.13 13.28 20.88
N ASN A 179 -8.26 13.31 21.59
CA ASN A 179 -8.44 12.58 22.85
C ASN A 179 -9.71 11.76 22.73
N GLY A 180 -9.56 10.52 22.26
CA GLY A 180 -10.69 9.61 22.12
C GLY A 180 -11.80 10.17 21.24
N GLN A 181 -11.47 11.14 20.39
CA GLN A 181 -12.46 11.78 19.53
C GLN A 181 -11.80 12.18 18.22
N LEU A 182 -12.44 11.84 17.11
CA LEU A 182 -11.93 12.19 15.78
C LEU A 182 -12.36 13.61 15.41
N PHE A 183 -11.41 14.42 14.98
CA PHE A 183 -11.65 15.81 14.64
C PHE A 183 -11.43 16.05 13.16
N GLU A 184 -12.32 16.84 12.57
CA GLU A 184 -12.25 17.25 11.17
C GLU A 184 -11.97 18.76 11.13
N LEU A 185 -10.73 19.11 10.81
CA LEU A 185 -10.29 20.50 10.79
C LEU A 185 -10.31 21.03 9.36
N ASP A 186 -11.01 22.15 9.17
CA ASP A 186 -11.05 22.84 7.89
C ASP A 186 -10.64 24.29 8.12
N GLY A 187 -9.52 24.68 7.51
CA GLY A 187 -9.00 26.03 7.67
C GLY A 187 -9.89 27.12 7.14
N LEU A 188 -10.86 26.78 6.30
CA LEU A 188 -11.77 27.76 5.71
C LEU A 188 -13.17 27.73 6.35
N LYS A 189 -13.31 27.06 7.49
CA LYS A 189 -14.58 26.98 8.20
C LYS A 189 -14.44 27.55 9.61
N PRO A 190 -15.52 28.08 10.20
CA PRO A 190 -15.37 28.79 11.48
C PRO A 190 -15.01 27.88 12.64
N TYR A 191 -15.57 26.67 12.70
CA TYR A 191 -15.38 25.84 13.86
C TYR A 191 -14.80 24.48 13.48
N PRO A 192 -13.93 23.92 14.32
CA PRO A 192 -13.49 22.54 14.09
C PRO A 192 -14.64 21.58 14.27
N MET A 193 -14.74 20.62 13.35
CA MET A 193 -15.83 19.65 13.36
C MET A 193 -15.40 18.42 14.17
N ASN A 194 -15.98 18.28 15.36
CA ASN A 194 -15.78 17.08 16.18
C ASN A 194 -17.01 16.20 16.03
N HIS A 195 -16.81 14.98 15.52
CA HIS A 195 -17.87 14.00 15.38
C HIS A 195 -17.29 12.62 15.61
N GLY A 196 -16.54 12.45 16.71
CA GLY A 196 -15.73 11.27 16.87
C GLY A 196 -15.85 10.55 18.21
N GLY A 197 -16.08 9.26 18.14
CA GLY A 197 -16.06 8.39 19.30
C GLY A 197 -16.00 6.94 18.84
N TRP A 198 -15.21 6.11 19.52
CA TRP A 198 -15.12 4.71 19.12
C TRP A 198 -14.80 3.86 20.35
N GLU A 199 -15.17 2.59 20.26
CA GLU A 199 -14.98 1.68 21.39
C GLU A 199 -14.71 0.29 20.84
N ASP A 200 -13.51 -0.23 21.13
CA ASP A 200 -13.15 -1.61 20.81
C ASP A 200 -11.83 -1.95 21.49
N ASP A 203 -7.63 2.14 16.46
CA ASP A 203 -9.03 1.80 16.21
C ASP A 203 -9.76 2.99 15.60
N TRP A 204 -9.20 4.18 15.81
CA TRP A 204 -9.78 5.39 15.23
C TRP A 204 -9.79 5.34 13.70
N THR A 205 -8.92 4.52 13.10
CA THR A 205 -8.93 4.37 11.66
C THR A 205 -10.27 3.83 11.17
N ASP A 206 -10.89 2.94 11.95
CA ASP A 206 -12.20 2.41 11.56
C ASP A 206 -13.28 3.48 11.66
N LYS A 207 -13.24 4.30 12.71
CA LYS A 207 -14.18 5.41 12.82
C LYS A 207 -14.02 6.38 11.65
N PHE A 208 -12.76 6.68 11.29
CA PHE A 208 -12.51 7.56 10.16
C PHE A 208 -13.00 6.95 8.86
N ARG A 209 -12.83 5.63 8.70
CA ARG A 209 -13.33 4.95 7.50
C ARG A 209 -14.84 5.06 7.42
N ARG A 210 -15.53 4.89 8.55
CA ARG A 210 -16.98 5.07 8.57
C ARG A 210 -17.37 6.49 8.16
N VAL A 211 -16.69 7.48 8.76
CA VAL A 211 -17.03 8.88 8.48
C VAL A 211 -16.79 9.21 7.01
N MET A 212 -15.72 8.65 6.42
CA MET A 212 -15.42 8.92 5.02
C MET A 212 -16.39 8.19 4.09
N ALA A 213 -16.77 6.96 4.44
CA ALA A 213 -17.74 6.24 3.63
C ALA A 213 -19.10 6.90 3.69
N GLU A 214 -19.40 7.64 4.77
CA GLU A 214 -20.65 8.39 4.83
C GLU A 214 -20.70 9.48 3.78
N ARG A 215 -19.64 10.28 3.67
CA ARG A 215 -19.64 11.42 2.75
C ARG A 215 -19.39 11.00 1.31
N LEU A 216 -18.70 9.88 1.11
CA LEU A 216 -18.41 9.39 -0.24
C LEU A 216 -19.45 8.35 -0.69
N GLN A 223 -9.65 6.18 -8.48
CA GLN A 223 -10.96 6.29 -9.10
C GLN A 223 -11.24 7.71 -9.58
N ASP A 224 -11.99 8.44 -8.76
CA ASP A 224 -12.41 9.79 -9.11
C ASP A 224 -11.23 10.76 -9.12
N ILE A 225 -11.34 11.80 -9.95
CA ILE A 225 -10.32 12.83 -10.04
C ILE A 225 -10.66 14.07 -9.24
N ARG A 226 -11.87 14.16 -8.69
CA ARG A 226 -12.26 15.27 -7.85
C ARG A 226 -11.88 15.06 -6.39
N PHE A 227 -11.31 13.91 -6.05
CA PHE A 227 -10.98 13.57 -4.67
C PHE A 227 -9.64 12.89 -4.60
N ASN A 228 -8.79 13.35 -3.68
CA ASN A 228 -7.57 12.67 -3.28
C ASN A 228 -7.63 12.45 -1.76
N LEU A 229 -7.06 11.33 -1.32
CA LEU A 229 -6.95 11.03 0.10
C LEU A 229 -5.52 10.58 0.38
N MET A 230 -4.90 11.20 1.37
CA MET A 230 -3.53 10.89 1.73
C MET A 230 -3.45 10.64 3.23
N ALA A 231 -2.57 9.71 3.60
CA ALA A 231 -2.33 9.36 4.98
C ALA A 231 -0.97 9.90 5.42
N VAL A 232 -0.94 10.49 6.60
CA VAL A 232 0.30 10.87 7.25
C VAL A 232 0.76 9.68 8.07
N VAL A 233 1.89 9.09 7.72
CA VAL A 233 2.36 7.88 8.37
C VAL A 233 3.80 8.07 8.80
N PRO A 234 4.30 7.24 9.72
CA PRO A 234 5.72 7.27 10.03
C PRO A 234 6.56 6.85 8.83
N ASP A 235 7.79 7.36 8.79
CA ASP A 235 8.74 7.04 7.74
C ASP A 235 8.91 5.53 7.63
N ARG A 236 8.46 4.97 6.50
CA ARG A 236 8.56 3.53 6.26
C ARG A 236 10.02 3.08 6.22
N ARG A 237 10.89 3.86 5.59
CA ARG A 237 12.30 3.53 5.50
C ARG A 237 12.90 3.29 6.87
N ILE A 238 12.52 4.13 7.85
CA ILE A 238 13.05 3.98 9.21
C ILE A 238 12.61 2.66 9.82
N ALA A 239 11.30 2.37 9.76
CA ALA A 239 10.80 1.13 10.35
C ALA A 239 11.42 -0.09 9.69
N ILE A 240 11.59 -0.05 8.37
CA ILE A 240 12.18 -1.18 7.65
C ILE A 240 13.64 -1.37 8.05
N THR A 241 14.39 -0.26 8.16
CA THR A 241 15.79 -0.36 8.57
C THR A 241 15.91 -0.91 9.98
N HIS A 242 15.01 -0.50 10.89
CA HIS A 242 15.07 -1.01 12.25
C HIS A 242 14.72 -2.49 12.31
N LYS A 243 13.69 -2.90 11.57
CA LYS A 243 13.34 -4.32 11.51
C LYS A 243 14.51 -5.12 10.95
N LEU A 244 15.20 -4.58 9.95
CA LEU A 244 16.37 -5.26 9.40
C LEU A 244 17.48 -5.38 10.43
N LYS A 245 17.68 -4.32 11.23
CA LYS A 245 18.70 -4.38 12.27
C LYS A 245 18.39 -5.47 13.30
N MET A 246 17.14 -5.53 13.74
CA MET A 246 16.73 -6.57 14.70
C MET A 246 16.89 -7.96 14.09
N LEU A 247 16.42 -8.15 12.86
CA LEU A 247 16.55 -9.44 12.20
C LEU A 247 18.01 -9.84 12.08
N ARG A 248 18.88 -8.89 11.71
CA ARG A 248 20.29 -9.22 11.50
C ARG A 248 20.99 -9.56 12.82
N THR A 249 20.68 -8.84 13.90
CA THR A 249 21.33 -9.16 15.16
C THR A 249 20.83 -10.51 15.71
N ASN A 250 19.54 -10.81 15.54
CA ASN A 250 19.05 -12.12 15.96
C ASN A 250 19.68 -13.24 15.12
N GLN A 251 19.80 -13.01 13.81
CA GLN A 251 20.44 -13.98 12.94
C GLN A 251 21.90 -14.20 13.32
N ALA A 252 22.59 -13.12 13.70
CA ALA A 252 23.97 -13.25 14.14
C ALA A 252 24.07 -14.07 15.42
N ILE A 253 23.17 -13.83 16.37
CA ILE A 253 23.17 -14.59 17.62
C ILE A 253 23.00 -16.08 17.32
N VAL A 254 21.97 -16.43 16.54
CA VAL A 254 21.69 -17.85 16.33
C VAL A 254 22.78 -18.50 15.48
N SER A 255 23.35 -17.77 14.50
CA SER A 255 24.43 -18.34 13.71
C SER A 255 25.68 -18.56 14.56
N GLY A 256 25.99 -17.62 15.45
CA GLY A 256 27.12 -17.81 16.34
C GLY A 256 26.96 -19.04 17.21
N THR A 257 25.79 -19.16 17.86
CA THR A 257 25.57 -20.33 18.71
C THR A 257 25.62 -21.62 17.88
N LEU A 258 25.05 -21.60 16.68
CA LEU A 258 25.03 -22.80 15.86
C LEU A 258 26.43 -23.22 15.44
N GLN A 259 27.23 -22.27 14.95
CA GLN A 259 28.58 -22.61 14.51
C GLN A 259 29.46 -23.04 15.69
N LYS A 260 29.28 -22.40 16.84
CA LYS A 260 29.98 -22.84 18.05
C LYS A 260 29.63 -24.29 18.38
N LEU A 261 28.34 -24.62 18.34
CA LEU A 261 27.92 -25.99 18.62
C LEU A 261 28.56 -26.98 17.65
N LEU A 262 28.47 -26.69 16.34
CA LEU A 262 28.98 -27.63 15.34
C LEU A 262 30.50 -27.79 15.44
N LYS A 263 31.21 -26.70 15.75
CA LYS A 263 32.64 -26.80 15.98
C LYS A 263 32.95 -27.67 17.19
N ALA A 264 32.21 -27.48 18.29
CA ALA A 264 32.44 -28.26 19.50
C ALA A 264 32.17 -29.74 19.25
N GLY A 265 31.13 -30.06 18.51
CA GLY A 265 30.79 -31.43 18.20
C GLY A 265 30.03 -32.14 19.30
N SER A 268 25.52 -35.53 23.80
CA SER A 268 25.36 -34.55 22.73
C SER A 268 23.89 -34.25 22.48
N GLY A 269 23.63 -33.13 21.81
CA GLY A 269 22.28 -32.71 21.53
C GLY A 269 22.09 -32.39 20.06
N SER A 270 20.82 -32.42 19.63
CA SER A 270 20.48 -32.12 18.25
C SER A 270 20.55 -30.62 17.99
N ALA A 271 20.58 -30.27 16.70
CA ALA A 271 20.67 -28.88 16.27
C ALA A 271 19.66 -28.57 15.17
N ARG A 272 18.54 -29.29 15.14
CA ARG A 272 17.52 -29.03 14.13
C ARG A 272 16.87 -27.66 14.33
N ASP A 273 16.52 -27.35 15.57
CA ASP A 273 15.72 -26.15 15.84
C ASP A 273 16.51 -24.88 15.59
N LEU A 274 17.81 -24.88 15.92
CA LEU A 274 18.65 -23.73 15.59
C LEU A 274 18.70 -23.50 14.08
N GLN A 275 18.82 -24.57 13.31
CA GLN A 275 18.86 -24.44 11.85
C GLN A 275 17.53 -23.93 11.31
N SER A 276 16.41 -24.41 11.86
CA SER A 276 15.11 -23.92 11.43
C SER A 276 14.95 -22.43 11.74
N LEU A 277 15.33 -22.04 12.96
CA LEU A 277 15.33 -20.63 13.35
C LEU A 277 16.14 -19.79 12.36
N LEU A 278 17.34 -20.27 12.02
CA LEU A 278 18.21 -19.53 11.11
C LEU A 278 17.62 -19.43 9.71
N LYS A 279 17.00 -20.51 9.24
CA LYS A 279 16.36 -20.48 7.92
C LYS A 279 15.26 -19.44 7.87
N ASN A 280 14.38 -19.44 8.87
CA ASN A 280 13.28 -18.46 8.88
C ASN A 280 13.81 -17.04 9.02
N LEU A 281 14.86 -16.84 9.83
CA LEU A 281 15.46 -15.51 9.95
C LEU A 281 16.03 -15.05 8.61
N ASP A 282 16.70 -15.94 7.88
CA ASP A 282 17.25 -15.56 6.58
C ASP A 282 16.14 -15.19 5.60
N THR A 283 15.05 -15.95 5.61
CA THR A 283 13.92 -15.63 4.74
C THR A 283 13.36 -14.25 5.05
N GLU A 284 13.15 -13.96 6.34
CA GLU A 284 12.62 -12.67 6.73
C GLU A 284 13.57 -11.53 6.37
N ILE A 285 14.88 -11.77 6.52
CA ILE A 285 15.86 -10.74 6.15
C ILE A 285 15.81 -10.47 4.65
N ALA A 286 15.67 -11.51 3.84
CA ALA A 286 15.55 -11.31 2.40
C ALA A 286 14.31 -10.48 2.06
N ILE A 287 13.18 -10.85 2.65
CA ILE A 287 11.93 -10.11 2.40
C ILE A 287 12.10 -8.64 2.75
N ASN A 288 12.66 -8.36 3.92
CA ASN A 288 12.76 -6.97 4.36
C ASN A 288 13.83 -6.20 3.60
N GLU A 289 14.88 -6.87 3.12
CA GLU A 289 15.82 -6.21 2.22
C GLU A 289 15.14 -5.78 0.94
N GLN A 290 14.28 -6.64 0.40
CA GLN A 290 13.53 -6.25 -0.80
C GLN A 290 12.60 -5.08 -0.51
N HIS A 291 11.94 -5.10 0.66
CA HIS A 291 11.10 -3.97 1.06
C HIS A 291 11.92 -2.68 1.11
N LEU A 292 13.11 -2.75 1.70
CA LEU A 292 13.95 -1.56 1.81
C LEU A 292 14.38 -1.05 0.44
N ALA A 293 14.71 -1.97 -0.49
CA ALA A 293 15.08 -1.55 -1.83
C ALA A 293 13.92 -0.85 -2.53
N ASP A 294 12.71 -1.42 -2.42
CA ASP A 294 11.53 -0.78 -3.00
C ASP A 294 11.33 0.61 -2.44
N GLU A 295 11.38 0.74 -1.11
CA GLU A 295 11.19 2.04 -0.49
C GLU A 295 12.29 3.03 -0.89
N ASN A 296 13.53 2.54 -1.06
CA ASN A 296 14.62 3.42 -1.43
C ASN A 296 14.44 3.97 -2.84
N ASP A 297 14.06 3.12 -3.79
CA ASP A 297 13.81 3.62 -5.15
CA ASP A 297 13.83 3.64 -5.14
C ASP A 297 12.60 4.54 -5.19
N ARG A 298 11.59 4.28 -4.34
CA ARG A 298 10.45 5.20 -4.27
C ARG A 298 10.86 6.57 -3.72
N ARG A 299 11.73 6.58 -2.71
CA ARG A 299 12.24 7.86 -2.21
C ARG A 299 13.08 8.57 -3.26
N HIS A 300 13.87 7.81 -4.02
CA HIS A 300 14.67 8.42 -5.09
C HIS A 300 13.77 9.01 -6.17
N MET A 301 12.65 8.33 -6.48
N MET A 301 12.66 8.32 -6.48
CA MET A 301 11.74 8.90 -7.48
CA MET A 301 11.71 8.85 -7.45
C MET A 301 11.05 10.15 -6.95
C MET A 301 11.08 10.14 -6.94
N PHE A 302 10.77 10.20 -5.64
CA PHE A 302 10.31 11.44 -5.03
C PHE A 302 11.32 12.55 -5.27
N LYS A 303 12.60 12.26 -5.01
CA LYS A 303 13.67 13.26 -5.15
C LYS A 303 13.75 13.76 -6.60
N VAL A 304 13.69 12.86 -7.57
CA VAL A 304 13.86 13.28 -8.96
C VAL A 304 12.63 14.04 -9.45
N ASP A 305 11.43 13.62 -9.02
CA ASP A 305 10.23 14.37 -9.39
C ASP A 305 10.26 15.78 -8.81
N ALA A 306 10.76 15.92 -7.58
CA ALA A 306 10.92 17.26 -7.01
C ALA A 306 11.93 18.08 -7.78
N SER A 307 13.07 17.48 -8.14
CA SER A 307 14.11 18.23 -8.85
C SER A 307 13.66 18.67 -10.24
N ARG A 308 12.80 17.88 -10.88
CA ARG A 308 12.29 18.29 -12.19
C ARG A 308 11.14 19.28 -12.06
N ARG A 309 10.29 19.10 -11.05
CA ARG A 309 9.09 19.94 -10.92
C ARG A 309 9.43 21.40 -10.67
N THR A 310 10.57 21.67 -10.02
CA THR A 310 10.97 23.03 -9.67
C THR A 310 12.04 23.59 -10.59
N HIS A 311 12.26 22.97 -11.74
CA HIS A 311 13.29 23.41 -12.68
C HIS A 311 12.68 24.29 -13.76
N ASN A 312 13.39 25.36 -14.12
CA ASN A 312 12.98 26.25 -15.19
C ASN A 312 13.69 25.82 -16.47
N TYR A 313 12.95 25.14 -17.35
CA TYR A 313 13.50 24.54 -18.55
C TYR A 313 13.72 25.54 -19.68
N ASP A 314 13.57 26.84 -19.43
CA ASP A 314 13.58 27.81 -20.52
C ASP A 314 14.94 27.86 -21.21
N LYS A 315 16.01 28.06 -20.43
CA LYS A 315 17.35 28.15 -21.03
C LYS A 315 17.72 26.87 -21.76
N PHE A 316 17.32 25.72 -21.20
CA PHE A 316 17.61 24.45 -21.84
C PHE A 316 16.94 24.35 -23.20
N ILE A 317 15.64 24.68 -23.28
CA ILE A 317 14.93 24.61 -24.54
C ILE A 317 15.52 25.59 -25.55
N CYS A 318 15.81 26.82 -25.09
CA CYS A 318 16.39 27.83 -25.98
C CYS A 318 17.70 27.35 -26.58
N THR A 319 18.65 26.94 -25.72
CA THR A 319 19.95 26.52 -26.22
C THR A 319 19.86 25.24 -27.05
N PHE A 320 18.94 24.34 -26.71
CA PHE A 320 18.75 23.13 -27.50
C PHE A 320 18.31 23.48 -28.92
N LEU A 321 17.29 24.34 -29.04
CA LEU A 321 16.82 24.75 -30.36
C LEU A 321 17.89 25.51 -31.12
N SER A 322 18.64 26.36 -30.43
CA SER A 322 19.69 27.13 -31.08
C SER A 322 20.80 26.22 -31.61
N MET A 323 21.20 25.22 -30.82
CA MET A 323 22.22 24.29 -31.28
C MET A 323 21.70 23.42 -32.42
N LEU A 324 20.41 23.06 -32.40
CA LEU A 324 19.84 22.31 -33.52
C LEU A 324 19.87 23.12 -34.80
N ALA A 325 19.47 24.39 -34.72
CA ALA A 325 19.54 25.27 -35.88
C ALA A 325 20.99 25.42 -36.35
N HIS A 326 21.90 25.71 -35.43
CA HIS A 326 23.30 25.92 -35.77
C HIS A 326 23.90 24.68 -36.44
N GLN A 327 23.47 23.49 -36.02
CA GLN A 327 23.97 22.26 -36.64
C GLN A 327 23.36 21.99 -38.00
N GLY A 328 22.30 22.71 -38.37
CA GLY A 328 21.68 22.57 -39.67
C GLY A 328 20.57 21.56 -39.76
N VAL A 329 20.17 20.95 -38.64
CA VAL A 329 19.19 19.86 -38.65
C VAL A 329 17.85 20.28 -38.07
N LEU A 330 17.70 21.52 -37.61
CA LEU A 330 16.42 21.95 -37.07
C LEU A 330 15.33 21.95 -38.13
N GLY A 331 15.70 22.30 -39.37
CA GLY A 331 14.71 22.42 -40.43
C GLY A 331 14.00 21.10 -40.71
N GLU A 332 14.78 20.03 -40.89
CA GLU A 332 14.19 18.72 -41.16
C GLU A 332 13.23 18.31 -40.04
N LEU A 333 13.71 18.37 -38.80
CA LEU A 333 12.91 17.95 -37.66
C LEU A 333 11.61 18.75 -37.58
N VAL A 334 11.71 20.08 -37.69
CA VAL A 334 10.52 20.91 -37.65
C VAL A 334 9.56 20.52 -38.76
N SER A 335 10.08 20.26 -39.97
CA SER A 335 9.23 19.83 -41.06
C SER A 335 8.54 18.51 -40.78
N GLN A 336 9.11 17.69 -39.89
CA GLN A 336 8.49 16.41 -39.56
C GLN A 336 7.46 16.48 -38.45
N HIS A 337 7.40 17.57 -37.69
CA HIS A 337 6.55 17.62 -36.50
C HIS A 337 5.69 18.88 -36.47
N LEU A 338 5.16 19.29 -37.61
CA LEU A 338 4.24 20.42 -37.64
C LEU A 338 2.91 20.01 -37.01
N LEU A 339 2.36 20.91 -36.20
CA LEU A 339 1.06 20.65 -35.60
C LEU A 339 -0.01 20.56 -36.69
N PRO A 340 -0.91 19.58 -36.61
CA PRO A 340 -1.95 19.47 -37.64
C PRO A 340 -2.91 20.65 -37.59
N SER A 341 -3.32 21.09 -38.77
CA SER A 341 -4.26 22.20 -38.88
C SER A 341 -5.21 21.99 -40.06
N LYS B 1 19.70 31.63 -36.38
CA LYS B 1 19.58 31.15 -37.76
C LYS B 1 18.13 31.22 -38.26
N ILE B 2 17.25 30.57 -37.52
CA ILE B 2 15.81 30.57 -37.81
C ILE B 2 15.09 31.16 -36.60
N ASP B 3 13.97 31.83 -36.87
CA ASP B 3 13.22 32.54 -35.84
C ASP B 3 12.96 31.65 -34.63
N LEU B 4 13.33 32.16 -33.45
CA LEU B 4 13.23 31.42 -32.21
C LEU B 4 12.53 32.21 -31.12
N GLU B 5 12.08 33.43 -31.39
CA GLU B 5 11.57 34.30 -30.35
C GLU B 5 10.31 35.09 -30.72
N THR B 6 9.80 34.96 -31.95
CA THR B 6 8.67 35.73 -32.44
C THR B 6 7.46 34.82 -32.67
N PRO B 7 6.24 35.31 -32.41
CA PRO B 7 5.03 34.51 -32.71
C PRO B 7 4.94 33.99 -34.14
N ASP B 8 5.70 34.58 -35.06
CA ASP B 8 5.73 34.13 -36.45
C ASP B 8 6.76 33.03 -36.70
N SER B 9 7.44 32.56 -35.66
CA SER B 9 8.38 31.47 -35.82
C SER B 9 7.65 30.18 -36.23
N ILE B 10 8.34 29.35 -37.00
CA ILE B 10 7.78 28.05 -37.35
C ILE B 10 7.67 27.16 -36.11
N LEU B 11 8.45 27.45 -35.07
CA LEU B 11 8.36 26.70 -33.83
C LEU B 11 6.98 26.86 -33.19
N ALA B 12 6.35 28.02 -33.37
CA ALA B 12 4.99 28.22 -32.87
C ALA B 12 3.98 27.31 -33.54
N SER B 13 4.36 26.63 -34.61
CA SER B 13 3.50 25.64 -35.27
C SER B 13 4.11 24.24 -35.22
N THR B 14 5.07 24.02 -34.33
CA THR B 14 5.82 22.77 -34.26
C THR B 14 5.56 22.07 -32.94
N ASN B 15 5.40 20.75 -32.99
CA ASN B 15 5.31 19.93 -31.79
C ASN B 15 6.68 19.84 -31.13
N LEU B 16 6.98 20.76 -30.22
CA LEU B 16 8.30 20.80 -29.63
C LEU B 16 8.60 19.59 -28.75
N ARG B 17 7.56 19.00 -28.13
CA ARG B 17 7.79 17.84 -27.28
C ARG B 17 8.38 16.68 -28.06
N ALA B 18 8.00 16.53 -29.33
CA ALA B 18 8.56 15.50 -30.19
C ALA B 18 9.88 15.92 -30.83
N LEU B 19 10.11 17.22 -30.97
CA LEU B 19 11.36 17.70 -31.55
C LEU B 19 12.53 17.42 -30.62
N LEU B 20 12.42 17.83 -29.36
CA LEU B 20 13.50 17.75 -28.40
C LEU B 20 13.36 16.45 -27.61
N ASN B 21 14.21 15.48 -27.90
CA ASN B 21 14.15 14.19 -27.22
C ASN B 21 15.56 13.59 -27.19
N LYS B 22 15.63 12.29 -26.92
CA LYS B 22 16.92 11.64 -26.71
C LYS B 22 17.71 11.49 -28.02
N GLN B 23 17.03 11.08 -29.09
CA GLN B 23 17.69 10.95 -30.38
C GLN B 23 18.20 12.31 -30.87
N THR B 24 17.33 13.31 -30.84
CA THR B 24 17.71 14.65 -31.27
C THR B 24 18.88 15.18 -30.45
N PHE B 25 18.89 14.89 -29.14
CA PHE B 25 20.05 15.23 -28.33
C PHE B 25 21.29 14.49 -28.81
N SER B 26 21.13 13.22 -29.20
CA SER B 26 22.25 12.44 -29.71
C SER B 26 22.80 13.00 -31.01
N LEU B 27 21.99 13.76 -31.76
CA LEU B 27 22.48 14.36 -32.99
C LEU B 27 23.56 15.43 -32.76
N LEU B 28 23.71 15.92 -31.51
CA LEU B 28 24.59 17.05 -31.25
C LEU B 28 26.01 16.58 -30.94
N PRO B 29 27.01 17.43 -31.22
CA PRO B 29 28.40 17.09 -30.86
C PRO B 29 28.58 17.00 -29.36
N PRO B 30 29.67 16.34 -28.91
CA PRO B 30 29.82 16.12 -27.45
C PRO B 30 29.94 17.39 -26.62
N LEU B 31 30.71 18.37 -27.09
CA LEU B 31 30.83 19.62 -26.33
C LEU B 31 29.47 20.30 -26.17
N TYR B 32 28.69 20.31 -27.25
CA TYR B 32 27.32 20.83 -27.16
C TYR B 32 26.49 20.04 -26.15
N GLN B 33 26.64 18.72 -26.14
CA GLN B 33 25.88 17.90 -25.19
C GLN B 33 26.25 18.21 -23.75
N TYR B 34 27.54 18.44 -23.49
CA TYR B 34 27.98 18.78 -22.14
C TYR B 34 27.42 20.14 -21.72
N ASN B 35 27.59 21.16 -22.57
CA ASN B 35 27.08 22.48 -22.24
C ASN B 35 25.56 22.48 -22.11
N LEU B 36 24.88 21.55 -22.77
CA LEU B 36 23.43 21.47 -22.68
C LEU B 36 22.99 20.77 -21.40
N ILE B 37 23.68 19.69 -21.03
CA ILE B 37 23.39 19.00 -19.78
C ILE B 37 23.61 19.92 -18.60
N GLN B 38 24.56 20.85 -18.70
CA GLN B 38 24.77 21.81 -17.63
C GLN B 38 23.55 22.69 -17.37
N LEU B 39 22.48 22.50 -18.16
CA LEU B 39 21.24 23.25 -17.99
C LEU B 39 20.06 22.36 -17.62
N LEU B 40 20.29 21.09 -17.33
CA LEU B 40 19.23 20.16 -16.94
C LEU B 40 18.99 20.24 -15.44
N PRO B 41 17.89 19.66 -14.96
CA PRO B 41 17.72 19.50 -13.51
C PRO B 41 18.90 18.74 -12.91
N SER B 42 19.21 19.05 -11.65
CA SER B 42 20.43 18.54 -11.04
C SER B 42 20.45 17.03 -10.96
N VAL B 43 19.28 16.39 -10.83
CA VAL B 43 19.25 14.94 -10.76
C VAL B 43 19.62 14.32 -12.10
N ASP B 44 19.06 14.83 -13.20
CA ASP B 44 19.37 14.28 -14.50
C ASP B 44 20.78 14.65 -14.95
N ARG B 45 21.20 15.90 -14.70
CA ARG B 45 22.58 16.28 -14.95
C ARG B 45 23.54 15.38 -14.17
N GLU B 46 23.20 15.07 -12.92
CA GLU B 46 24.02 14.19 -12.11
C GLU B 46 24.00 12.76 -12.64
N ALA B 47 22.88 12.32 -13.19
CA ALA B 47 22.79 11.00 -13.79
C ALA B 47 23.71 10.88 -14.99
N SER B 48 23.79 11.92 -15.81
CA SER B 48 24.74 11.95 -16.90
C SER B 48 26.10 12.51 -16.50
N GLU B 49 26.22 13.00 -15.26
CA GLU B 49 27.45 13.60 -14.71
C GLU B 49 28.31 14.37 -15.72
N GLU B 64 33.05 9.68 -26.97
CA GLU B 64 32.69 10.38 -25.74
C GLU B 64 31.31 11.01 -25.83
N ALA B 65 30.46 10.43 -26.67
CA ALA B 65 29.09 10.92 -26.80
C ALA B 65 28.32 10.62 -25.52
N ILE B 66 27.63 11.63 -25.00
CA ILE B 66 26.87 11.48 -23.77
C ILE B 66 25.49 10.92 -24.08
N ARG B 67 25.09 9.90 -23.35
CA ARG B 67 23.77 9.31 -23.48
C ARG B 67 22.93 9.74 -22.28
N LEU B 68 21.73 10.24 -22.54
CA LEU B 68 20.84 10.74 -21.50
C LEU B 68 19.98 9.62 -20.95
N SER B 69 19.46 9.85 -19.74
CA SER B 69 18.51 8.92 -19.14
C SER B 69 17.31 8.73 -20.06
N ALA B 70 16.79 7.51 -20.09
CA ALA B 70 15.61 7.23 -20.91
C ALA B 70 14.40 8.04 -20.46
N SER B 71 14.41 8.52 -19.21
CA SER B 71 13.35 9.39 -18.69
C SER B 71 13.91 10.74 -18.29
N CYS B 72 14.96 11.21 -18.97
CA CYS B 72 15.48 12.54 -18.70
C CYS B 72 14.66 13.61 -19.41
N LEU B 73 14.46 13.43 -20.72
CA LEU B 73 13.60 14.32 -21.50
C LEU B 73 12.18 13.80 -21.66
N ASN B 74 11.99 12.47 -21.73
CA ASN B 74 10.66 11.89 -21.74
C ASN B 74 10.12 11.96 -20.31
N ASN B 75 9.50 13.09 -19.98
CA ASN B 75 9.04 13.38 -18.63
C ASN B 75 7.55 13.64 -18.61
N GLU B 76 7.10 14.10 -17.45
CA GLU B 76 5.82 14.78 -17.28
C GLU B 76 6.00 16.28 -17.13
N PHE B 77 7.16 16.71 -16.63
CA PHE B 77 7.50 18.12 -16.44
C PHE B 77 8.15 18.72 -17.68
N PHE B 78 9.00 17.97 -18.37
CA PHE B 78 9.61 18.50 -19.59
C PHE B 78 8.60 18.58 -20.73
N ALA B 79 7.66 17.64 -20.80
CA ALA B 79 6.61 17.73 -21.81
C ALA B 79 5.77 18.99 -21.61
N ARG B 80 5.32 19.22 -20.38
CA ARG B 80 4.59 20.45 -20.09
C ARG B 80 5.46 21.67 -20.31
N ALA B 81 6.76 21.57 -20.05
CA ALA B 81 7.66 22.69 -20.31
C ALA B 81 7.67 23.03 -21.80
N CYS B 82 7.77 22.02 -22.66
CA CYS B 82 7.75 22.25 -24.09
C CYS B 82 6.43 22.86 -24.54
N LEU B 83 5.32 22.31 -24.07
CA LEU B 83 4.01 22.80 -24.48
C LEU B 83 3.81 24.25 -24.06
N GLU B 84 4.10 24.56 -22.80
CA GLU B 84 3.99 25.93 -22.32
C GLU B 84 4.99 26.86 -22.99
N TRP B 85 6.16 26.34 -23.37
CA TRP B 85 7.12 27.18 -24.08
C TRP B 85 6.57 27.59 -25.44
N ARG B 86 5.98 26.64 -26.17
CA ARG B 86 5.36 26.99 -27.45
C ARG B 86 4.23 27.99 -27.25
N GLU B 87 3.42 27.80 -26.20
CA GLU B 87 2.30 28.70 -25.97
C GLU B 87 2.78 30.11 -25.60
N ARG B 88 3.85 30.20 -24.79
CA ARG B 88 4.41 31.49 -24.45
C ARG B 88 5.02 32.17 -25.66
N LEU B 89 5.66 31.38 -26.54
CA LEU B 89 6.16 31.93 -27.79
C LEU B 89 5.03 32.52 -28.63
N SER B 90 3.90 31.80 -28.71
CA SER B 90 2.75 32.32 -29.43
C SER B 90 2.22 33.60 -28.78
N GLU B 91 2.19 33.65 -27.45
CA GLU B 91 1.74 34.84 -26.74
C GLU B 91 2.67 36.02 -26.91
N GLY B 92 3.89 35.80 -27.41
CA GLY B 92 4.84 36.87 -27.62
C GLY B 92 5.70 37.21 -26.43
N GLU B 93 5.86 36.27 -25.48
CA GLU B 93 6.64 36.55 -24.28
C GLU B 93 8.13 36.68 -24.57
N PHE B 94 8.60 36.17 -25.70
CA PHE B 94 10.03 36.07 -25.99
C PHE B 94 10.54 37.13 -26.95
N THR B 95 9.70 38.07 -27.38
CA THR B 95 10.17 39.13 -28.24
C THR B 95 11.08 40.08 -27.45
N PRO B 96 12.12 40.63 -28.08
CA PRO B 96 13.05 41.49 -27.33
C PRO B 96 12.39 42.70 -26.68
N GLU B 97 11.26 43.18 -27.23
CA GLU B 97 10.54 44.26 -26.56
C GLU B 97 9.97 43.78 -25.23
N ASN B 98 9.37 42.59 -25.21
CA ASN B 98 8.87 42.05 -23.95
C ASN B 98 9.99 41.71 -23.00
N GLN B 99 11.15 41.30 -23.52
CA GLN B 99 12.30 41.02 -22.66
C GLN B 99 12.81 42.31 -22.01
N LEU B 100 12.91 43.40 -22.77
CA LEU B 100 13.31 44.67 -22.18
C LEU B 100 12.24 45.20 -21.22
N LYS B 101 10.96 44.96 -21.51
CA LYS B 101 9.90 45.36 -20.59
C LYS B 101 10.01 44.61 -19.28
N LEU B 102 10.34 43.31 -19.34
CA LEU B 102 10.53 42.54 -18.12
C LEU B 102 11.80 42.96 -17.39
N LYS B 103 12.80 43.47 -18.12
CA LYS B 103 13.98 44.01 -17.45
C LYS B 103 13.68 45.33 -16.75
N THR B 104 12.80 46.16 -17.35
CA THR B 104 12.34 47.35 -16.65
C THR B 104 11.54 46.97 -15.40
N GLU B 105 10.69 45.95 -15.51
CA GLU B 105 9.97 45.47 -14.33
C GLU B 105 10.94 44.96 -13.27
N ALA B 106 11.98 44.23 -13.68
CA ALA B 106 12.96 43.73 -12.73
C ALA B 106 13.71 44.87 -12.06
N GLU B 107 13.99 45.94 -12.81
CA GLU B 107 14.53 47.15 -12.22
C GLU B 107 13.59 47.71 -11.17
N ARG B 108 12.30 47.73 -11.47
CA ARG B 108 11.31 48.22 -10.51
C ARG B 108 11.26 47.34 -9.27
N GLU B 109 11.47 46.04 -9.43
CA GLU B 109 11.47 45.12 -8.30
C GLU B 109 12.71 45.32 -7.44
N LYS B 110 13.88 45.48 -8.06
CA LYS B 110 15.11 45.75 -7.33
C LYS B 110 15.58 47.18 -7.58
N GLY C 3 -34.09 -38.40 3.61
CA GLY C 3 -33.34 -37.41 2.88
C GLY C 3 -32.35 -36.65 3.75
N TRP C 4 -31.77 -35.58 3.20
CA TRP C 4 -30.82 -34.75 3.91
C TRP C 4 -31.44 -33.38 4.21
N LEU C 5 -31.11 -32.82 5.37
CA LEU C 5 -31.68 -31.55 5.80
C LEU C 5 -30.74 -30.40 5.43
N GLU C 6 -31.33 -29.22 5.24
CA GLU C 6 -30.56 -28.06 4.87
C GLU C 6 -29.90 -27.43 6.10
N LEU C 7 -28.63 -27.06 5.96
CA LEU C 7 -27.84 -26.51 7.05
C LEU C 7 -27.67 -25.00 6.86
N GLU C 8 -27.08 -24.36 7.88
CA GLU C 8 -26.84 -22.93 7.85
C GLU C 8 -25.46 -22.64 7.25
N SER C 9 -25.25 -21.37 6.92
CA SER C 9 -23.97 -20.91 6.37
C SER C 9 -23.08 -20.47 7.54
N ASP C 10 -22.43 -21.46 8.16
CA ASP C 10 -21.58 -21.18 9.32
C ASP C 10 -20.26 -21.92 9.23
N PRO C 11 -19.14 -21.19 9.29
CA PRO C 11 -17.82 -21.86 9.24
C PRO C 11 -17.57 -22.75 10.44
N GLY C 12 -18.05 -22.36 11.63
CA GLY C 12 -17.90 -23.25 12.78
C GLY C 12 -18.73 -24.52 12.63
N LEU C 13 -19.93 -24.40 12.08
CA LEU C 13 -20.72 -25.60 11.77
C LEU C 13 -19.97 -26.49 10.80
N PHE C 14 -19.36 -25.91 9.76
CA PHE C 14 -18.62 -26.72 8.80
C PHE C 14 -17.41 -27.37 9.44
N THR C 15 -16.74 -26.67 10.36
CA THR C 15 -15.59 -27.23 11.05
C THR C 15 -16.01 -28.44 11.90
N LEU C 16 -17.07 -28.28 12.69
CA LEU C 16 -17.56 -29.39 13.49
C LEU C 16 -18.06 -30.54 12.62
N LEU C 17 -18.60 -30.22 11.44
CA LEU C 17 -19.03 -31.27 10.52
C LEU C 17 -17.84 -32.06 9.99
N LEU C 18 -16.76 -31.37 9.62
CA LEU C 18 -15.56 -32.08 9.19
C LEU C 18 -14.98 -32.92 10.31
N LYS C 19 -15.06 -32.42 11.56
CA LYS C 19 -14.60 -33.23 12.69
C LYS C 19 -15.48 -34.47 12.88
N ASP C 20 -16.78 -34.34 12.61
CA ASP C 20 -17.69 -35.48 12.74
C ASP C 20 -17.52 -36.48 11.61
N PHE C 21 -16.98 -36.05 10.46
CA PHE C 21 -16.69 -36.97 9.36
C PHE C 21 -15.52 -37.90 9.64
N GLY C 22 -14.85 -37.75 10.78
CA GLY C 22 -13.62 -38.47 11.04
C GLY C 22 -12.38 -37.81 10.51
N CYS C 23 -12.52 -36.81 9.63
CA CYS C 23 -11.38 -36.02 9.18
C CYS C 23 -10.90 -35.13 10.32
N HIS C 24 -9.60 -35.17 10.60
CA HIS C 24 -9.05 -34.46 11.74
C HIS C 24 -7.98 -33.47 11.30
N ASP C 25 -7.71 -32.51 12.21
CA ASP C 25 -6.74 -31.43 11.99
C ASP C 25 -7.12 -30.55 10.81
N VAL C 26 -8.42 -30.36 10.59
CA VAL C 26 -8.92 -29.52 9.51
C VAL C 26 -9.96 -28.57 10.08
N GLN C 27 -9.90 -27.31 9.66
CA GLN C 27 -10.77 -26.25 10.16
C GLN C 27 -11.28 -25.43 8.98
N VAL C 28 -12.50 -24.92 9.10
CA VAL C 28 -13.11 -24.09 8.07
C VAL C 28 -13.08 -22.65 8.56
N GLU C 29 -12.17 -21.87 8.01
CA GLU C 29 -12.15 -20.43 8.24
C GLU C 29 -13.01 -19.74 7.21
N GLU C 30 -13.49 -18.55 7.59
CA GLU C 30 -14.27 -17.71 6.70
C GLU C 30 -13.47 -16.48 6.32
N VAL C 31 -13.90 -15.82 5.24
CA VAL C 31 -13.19 -14.65 4.74
C VAL C 31 -14.04 -13.41 4.97
N TYR C 32 -13.89 -12.78 6.14
CA TYR C 32 -14.50 -11.49 6.40
C TYR C 32 -13.94 -10.47 5.42
N ASP C 33 -12.66 -10.15 5.57
CA ASP C 33 -11.97 -9.24 4.66
C ASP C 33 -11.32 -10.06 3.56
N LEU C 34 -11.75 -9.83 2.32
CA LEU C 34 -11.25 -10.64 1.20
C LEU C 34 -9.78 -10.31 0.92
N GLN C 35 -9.02 -11.36 0.62
CA GLN C 35 -7.65 -11.30 0.11
C GLN C 35 -6.62 -10.85 1.13
N LYS C 36 -6.99 -10.68 2.39
CA LYS C 36 -5.98 -10.64 3.42
C LYS C 36 -5.28 -11.99 3.43
N PRO C 37 -3.99 -12.06 3.10
CA PRO C 37 -3.36 -13.37 2.86
C PRO C 37 -3.53 -14.35 4.02
N ILE C 38 -3.91 -15.57 3.67
CA ILE C 38 -3.99 -16.69 4.60
C ILE C 38 -3.00 -17.75 4.15
N GLU C 39 -2.47 -18.51 5.10
CA GLU C 39 -1.42 -19.48 4.79
C GLU C 39 -1.98 -20.89 4.77
N SER C 40 -1.36 -21.72 3.93
CA SER C 40 -1.72 -23.13 3.78
C SER C 40 -3.22 -23.40 3.64
N PRO C 41 -3.86 -22.92 2.58
CA PRO C 41 -5.28 -23.27 2.39
C PRO C 41 -5.48 -24.43 1.43
N TYR C 42 -6.28 -25.42 1.85
CA TYR C 42 -6.59 -26.56 0.99
C TYR C 42 -7.49 -26.16 -0.18
N GLY C 43 -8.29 -25.12 -0.01
CA GLY C 43 -9.23 -24.72 -1.05
C GLY C 43 -10.30 -23.82 -0.47
N PHE C 44 -11.17 -23.35 -1.37
CA PHE C 44 -12.22 -22.40 -1.04
C PHE C 44 -13.59 -22.96 -1.40
N ILE C 45 -14.59 -22.66 -0.56
CA ILE C 45 -15.98 -22.90 -0.89
C ILE C 45 -16.69 -21.55 -0.93
N PHE C 46 -17.51 -21.34 -1.97
CA PHE C 46 -18.12 -20.05 -2.24
C PHE C 46 -19.63 -20.20 -2.26
N LEU C 47 -20.31 -19.45 -1.40
CA LEU C 47 -21.76 -19.49 -1.28
C LEU C 47 -22.37 -18.23 -1.86
N PHE C 48 -23.51 -18.37 -2.53
CA PHE C 48 -24.29 -17.21 -2.94
C PHE C 48 -25.77 -17.59 -3.00
N ARG C 49 -26.62 -16.58 -2.92
CA ARG C 49 -28.05 -16.78 -2.75
C ARG C 49 -28.84 -16.09 -3.87
N ILE C 67 -12.93 -22.48 -18.75
CA ILE C 67 -13.79 -23.23 -19.66
C ILE C 67 -13.94 -24.66 -19.16
N PHE C 68 -14.99 -25.35 -19.61
CA PHE C 68 -15.30 -26.67 -19.12
C PHE C 68 -14.26 -27.70 -19.54
N VAL C 69 -14.18 -28.79 -18.78
CA VAL C 69 -13.38 -29.96 -19.12
C VAL C 69 -14.35 -31.06 -19.52
N LYS C 70 -14.22 -31.57 -20.74
CA LYS C 70 -15.16 -32.53 -21.30
C LYS C 70 -14.54 -33.90 -21.57
N ASP C 71 -13.24 -34.07 -21.31
CA ASP C 71 -12.61 -35.36 -21.53
C ASP C 71 -13.18 -36.39 -20.54
N GLU C 72 -13.62 -37.53 -21.08
CA GLU C 72 -14.24 -38.54 -20.23
C GLU C 72 -13.28 -39.10 -19.20
N GLU C 73 -11.99 -39.15 -19.52
CA GLU C 73 -10.99 -39.70 -18.60
C GLU C 73 -10.42 -38.65 -17.67
N ALA C 74 -10.39 -37.37 -18.09
CA ALA C 74 -9.94 -36.32 -17.20
C ALA C 74 -10.95 -36.07 -16.09
N ILE C 75 -12.23 -36.13 -16.41
CA ILE C 75 -13.27 -35.97 -15.39
C ILE C 75 -13.26 -37.15 -14.43
N SER C 76 -13.14 -38.37 -14.97
CA SER C 76 -13.10 -39.57 -14.14
C SER C 76 -11.84 -39.65 -13.29
N SER C 77 -10.85 -38.77 -13.51
CA SER C 77 -9.62 -38.80 -12.73
C SER C 77 -9.77 -38.05 -11.41
N ILE C 78 -10.39 -36.87 -11.45
CA ILE C 78 -10.55 -36.05 -10.25
C ILE C 78 -11.90 -36.34 -9.62
N PHE C 79 -12.02 -36.03 -8.33
CA PHE C 79 -13.28 -36.23 -7.62
C PHE C 79 -14.23 -35.10 -7.98
N PHE C 80 -15.05 -35.34 -9.01
CA PHE C 80 -16.11 -34.42 -9.39
C PHE C 80 -17.42 -35.19 -9.32
N ALA C 81 -18.27 -34.82 -8.35
CA ALA C 81 -19.55 -35.47 -8.14
C ALA C 81 -20.67 -34.45 -8.29
N GLN C 82 -21.78 -34.88 -8.87
CA GLN C 82 -22.94 -34.03 -9.05
C GLN C 82 -23.93 -34.25 -7.92
N GLN C 83 -24.53 -33.17 -7.43
CA GLN C 83 -25.39 -33.22 -6.25
C GLN C 83 -26.72 -33.85 -6.64
N VAL C 84 -26.83 -35.16 -6.44
CA VAL C 84 -28.08 -35.85 -6.71
C VAL C 84 -29.01 -35.76 -5.51
N VAL C 85 -28.48 -35.90 -4.31
CA VAL C 85 -29.28 -35.83 -3.08
C VAL C 85 -29.59 -34.36 -2.79
N PRO C 86 -30.87 -33.99 -2.73
CA PRO C 86 -31.21 -32.60 -2.41
C PRO C 86 -30.82 -32.24 -0.99
N ASN C 87 -30.42 -30.97 -0.83
CA ASN C 87 -30.03 -30.41 0.46
C ASN C 87 -28.79 -31.12 1.04
N SER C 88 -27.75 -31.22 0.21
CA SER C 88 -26.46 -31.73 0.65
C SER C 88 -25.33 -30.79 0.24
N CYS C 89 -25.66 -29.52 -0.05
CA CYS C 89 -24.69 -28.60 -0.64
C CYS C 89 -23.47 -28.42 0.25
N ALA C 90 -23.68 -28.32 1.56
CA ALA C 90 -22.57 -28.09 2.48
C ALA C 90 -21.59 -29.27 2.46
N THR C 91 -22.09 -30.47 2.77
CA THR C 91 -21.25 -31.66 2.72
C THR C 91 -20.68 -31.89 1.32
N HIS C 92 -21.46 -31.59 0.28
CA HIS C 92 -20.98 -31.80 -1.08
C HIS C 92 -19.79 -30.91 -1.38
N ALA C 93 -19.86 -29.63 -1.02
CA ALA C 93 -18.75 -28.72 -1.30
C ALA C 93 -17.54 -29.05 -0.43
N LEU C 94 -17.78 -29.37 0.85
CA LEU C 94 -16.67 -29.75 1.73
C LEU C 94 -15.95 -30.99 1.21
N LEU C 95 -16.70 -31.99 0.73
CA LEU C 95 -16.07 -33.17 0.17
C LEU C 95 -15.39 -32.87 -1.16
N SER C 96 -15.99 -31.98 -1.97
CA SER C 96 -15.40 -31.64 -3.26
C SER C 96 -14.07 -30.93 -3.09
N VAL C 97 -13.89 -30.17 -2.02
CA VAL C 97 -12.59 -29.57 -1.76
C VAL C 97 -11.65 -30.54 -1.04
N LEU C 98 -12.15 -31.35 -0.10
CA LEU C 98 -11.26 -32.21 0.68
C LEU C 98 -10.72 -33.37 -0.14
N LEU C 99 -11.59 -34.12 -0.80
CA LEU C 99 -11.14 -35.31 -1.53
C LEU C 99 -10.33 -34.99 -2.77
N ASN C 100 -10.17 -33.72 -3.12
CA ASN C 100 -9.29 -33.32 -4.21
C ASN C 100 -7.99 -32.68 -3.71
N CYS C 101 -7.67 -32.90 -2.44
CA CYS C 101 -6.44 -32.40 -1.86
C CYS C 101 -5.35 -33.47 -1.92
N ASN C 102 -4.16 -33.10 -1.46
CA ASN C 102 -3.04 -34.03 -1.41
C ASN C 102 -3.14 -34.88 -0.15
N GLU C 103 -3.06 -36.20 -0.31
CA GLU C 103 -3.08 -37.08 0.86
C GLU C 103 -1.89 -36.84 1.76
N ASN C 104 -0.75 -36.43 1.19
CA ASN C 104 0.30 -35.83 2.00
C ASN C 104 -0.18 -34.47 2.48
N ASN C 105 -0.04 -34.20 3.79
CA ASN C 105 -0.49 -33.02 4.52
C ASN C 105 -1.96 -33.08 4.90
N LEU C 106 -2.64 -34.22 4.73
CA LEU C 106 -4.06 -34.31 5.03
C LEU C 106 -4.42 -35.73 5.47
N GLN C 107 -5.16 -35.83 6.57
CA GLN C 107 -5.62 -37.10 7.12
C GLN C 107 -7.15 -37.10 7.03
N LEU C 108 -7.67 -37.79 6.00
CA LEU C 108 -9.11 -37.77 5.74
C LEU C 108 -9.90 -38.65 6.68
N GLY C 109 -9.28 -39.62 7.32
CA GLY C 109 -9.98 -40.55 8.18
C GLY C 109 -10.56 -41.72 7.41
N ASP C 110 -11.04 -42.71 8.17
CA ASP C 110 -11.49 -43.95 7.57
C ASP C 110 -12.66 -43.74 6.62
N THR C 111 -13.67 -42.98 7.05
CA THR C 111 -14.87 -42.80 6.25
C THR C 111 -14.56 -42.13 4.91
N LEU C 112 -13.89 -40.98 4.96
CA LEU C 112 -13.61 -40.23 3.74
C LEU C 112 -12.62 -40.96 2.83
N SER C 113 -11.60 -41.60 3.40
CA SER C 113 -10.67 -42.38 2.59
C SER C 113 -11.37 -43.55 1.92
N ARG C 114 -12.27 -44.22 2.65
CA ARG C 114 -13.10 -45.27 2.08
C ARG C 114 -13.91 -44.74 0.90
N LEU C 115 -14.56 -43.59 1.08
CA LEU C 115 -15.35 -43.02 0.00
C LEU C 115 -14.48 -42.71 -1.21
N LYS C 116 -13.28 -42.17 -0.98
CA LYS C 116 -12.39 -41.80 -2.09
C LYS C 116 -11.98 -43.03 -2.90
N THR C 117 -11.52 -44.08 -2.21
CA THR C 117 -11.12 -45.31 -2.91
C THR C 117 -12.31 -45.94 -3.63
N HIS C 118 -13.48 -45.93 -2.98
CA HIS C 118 -14.64 -46.64 -3.51
C HIS C 118 -15.13 -46.02 -4.81
N THR C 119 -15.00 -44.69 -4.95
CA THR C 119 -15.58 -43.95 -6.06
C THR C 119 -14.55 -43.56 -7.11
N LYS C 120 -13.48 -44.35 -7.26
CA LYS C 120 -12.37 -43.93 -8.12
C LYS C 120 -12.78 -43.88 -9.59
N GLY C 121 -13.48 -44.90 -10.06
CA GLY C 121 -13.88 -45.00 -11.45
C GLY C 121 -15.31 -44.61 -11.75
N MET C 122 -16.05 -44.10 -10.78
CA MET C 122 -17.47 -43.83 -10.98
C MET C 122 -17.69 -42.55 -11.78
N SER C 123 -18.81 -42.51 -12.50
CA SER C 123 -19.27 -41.29 -13.13
C SER C 123 -19.74 -40.31 -12.06
N PRO C 124 -19.77 -39.01 -12.37
CA PRO C 124 -20.23 -38.03 -11.37
C PRO C 124 -21.60 -38.32 -10.77
N GLU C 125 -22.52 -38.89 -11.56
CA GLU C 125 -23.85 -39.19 -11.04
C GLU C 125 -23.77 -40.26 -9.95
N ASN C 126 -23.15 -41.40 -10.25
CA ASN C 126 -22.96 -42.44 -9.24
C ASN C 126 -22.07 -41.99 -8.11
N LYS C 127 -21.19 -41.02 -8.34
CA LYS C 127 -20.36 -40.49 -7.26
C LYS C 127 -21.20 -39.69 -6.27
N GLY C 128 -22.06 -38.82 -6.78
CA GLY C 128 -23.00 -38.14 -5.90
C GLY C 128 -23.93 -39.11 -5.19
N LEU C 129 -24.35 -40.17 -5.89
CA LEU C 129 -25.18 -41.18 -5.25
C LEU C 129 -24.44 -41.88 -4.12
N ALA C 130 -23.15 -42.18 -4.33
CA ALA C 130 -22.35 -42.79 -3.27
C ALA C 130 -22.20 -41.84 -2.09
N ILE C 131 -22.02 -40.55 -2.37
CA ILE C 131 -22.00 -39.55 -1.30
C ILE C 131 -23.30 -39.60 -0.52
N GLY C 132 -24.43 -39.74 -1.22
CA GLY C 132 -25.71 -39.78 -0.54
C GLY C 132 -25.99 -41.09 0.18
N ASN C 133 -25.32 -42.18 -0.20
CA ASN C 133 -25.58 -43.49 0.37
C ASN C 133 -24.54 -43.91 1.40
N THR C 134 -23.65 -43.01 1.81
CA THR C 134 -22.74 -43.29 2.91
C THR C 134 -23.40 -42.89 4.21
N PRO C 135 -23.68 -43.83 5.12
CA PRO C 135 -24.53 -43.51 6.27
C PRO C 135 -23.92 -42.50 7.22
N GLU C 136 -22.61 -42.58 7.48
CA GLU C 136 -21.98 -41.70 8.45
C GLU C 136 -22.10 -40.24 8.06
N LEU C 137 -21.86 -39.94 6.77
CA LEU C 137 -21.94 -38.57 6.29
C LEU C 137 -23.35 -38.02 6.46
N ALA C 138 -24.36 -38.79 6.06
CA ALA C 138 -25.75 -38.35 6.21
C ALA C 138 -26.10 -38.14 7.67
N CYS C 139 -25.63 -39.03 8.55
CA CYS C 139 -25.93 -38.90 9.97
C CYS C 139 -25.36 -37.60 10.53
N ALA C 140 -24.09 -37.31 10.25
CA ALA C 140 -23.49 -36.06 10.72
C ALA C 140 -24.24 -34.85 10.15
N HIS C 141 -24.40 -34.82 8.83
CA HIS C 141 -25.05 -33.69 8.16
C HIS C 141 -26.42 -33.39 8.74
N ASN C 142 -27.24 -34.44 8.92
CA ASN C 142 -28.58 -34.22 9.46
C ASN C 142 -28.57 -33.94 10.96
N SER C 143 -27.54 -34.40 11.68
CA SER C 143 -27.45 -34.05 13.09
C SER C 143 -27.19 -32.56 13.27
N HIS C 144 -26.46 -31.93 12.37
CA HIS C 144 -26.16 -30.51 12.54
C HIS C 144 -27.27 -29.57 12.05
N ALA C 145 -28.48 -30.06 11.81
CA ALA C 145 -29.55 -29.23 11.26
C ALA C 145 -30.46 -28.71 12.37
N MET C 146 -31.12 -27.58 12.07
CA MET C 146 -32.06 -26.96 13.00
C MET C 146 -33.32 -27.80 13.18
N PHE C 170 -26.70 -20.35 -0.46
CA PHE C 170 -27.63 -21.41 -0.83
C PHE C 170 -27.02 -22.31 -1.90
N HIS C 171 -26.42 -21.71 -2.91
CA HIS C 171 -25.70 -22.43 -3.95
C HIS C 171 -24.20 -22.42 -3.63
N PHE C 172 -23.58 -23.59 -3.64
CA PHE C 172 -22.19 -23.76 -3.25
C PHE C 172 -21.33 -24.06 -4.46
N VAL C 173 -20.10 -23.55 -4.44
CA VAL C 173 -19.08 -23.86 -5.43
C VAL C 173 -17.78 -24.13 -4.68
N SER C 174 -16.93 -24.96 -5.25
CA SER C 174 -15.63 -25.26 -4.66
C SER C 174 -14.52 -24.85 -5.62
N PHE C 175 -13.41 -24.37 -5.06
CA PHE C 175 -12.22 -24.04 -5.82
C PHE C 175 -11.04 -24.78 -5.21
N VAL C 176 -10.30 -25.53 -6.04
CA VAL C 176 -9.26 -26.41 -5.51
C VAL C 176 -8.16 -26.60 -6.56
N PRO C 177 -6.88 -26.67 -6.16
CA PRO C 177 -5.81 -26.90 -7.13
C PRO C 177 -5.65 -28.38 -7.45
N ILE C 178 -5.48 -28.69 -8.73
CA ILE C 178 -5.12 -30.02 -9.18
C ILE C 178 -4.03 -29.85 -10.21
N ASN C 179 -2.78 -30.09 -9.82
CA ASN C 179 -1.63 -30.14 -10.72
C ASN C 179 -1.46 -28.82 -11.49
N GLY C 180 -1.27 -27.75 -10.73
CA GLY C 180 -1.05 -26.45 -11.32
C GLY C 180 -2.23 -25.84 -12.06
N GLN C 181 -3.41 -26.45 -11.94
CA GLN C 181 -4.62 -25.96 -12.60
C GLN C 181 -5.69 -25.77 -11.53
N LEU C 182 -6.11 -24.53 -11.33
CA LEU C 182 -7.20 -24.24 -10.40
C LEU C 182 -8.51 -24.70 -10.99
N PHE C 183 -9.13 -25.70 -10.37
CA PHE C 183 -10.42 -26.23 -10.82
C PHE C 183 -11.55 -25.62 -10.01
N GLU C 184 -12.65 -25.32 -10.69
CA GLU C 184 -13.88 -24.84 -10.09
C GLU C 184 -14.93 -25.95 -10.23
N LEU C 185 -15.30 -26.55 -9.11
CA LEU C 185 -16.24 -27.64 -9.07
C LEU C 185 -17.61 -27.12 -8.65
N ASP C 186 -18.60 -27.30 -9.52
CA ASP C 186 -19.98 -26.93 -9.25
C ASP C 186 -20.83 -28.19 -9.29
N GLY C 187 -21.52 -28.47 -8.19
CA GLY C 187 -22.31 -29.69 -8.09
C GLY C 187 -23.48 -29.75 -9.04
N LEU C 188 -23.96 -28.59 -9.51
CA LEU C 188 -25.13 -28.53 -10.38
C LEU C 188 -24.76 -28.10 -11.81
N LYS C 189 -23.52 -28.30 -12.22
CA LYS C 189 -23.10 -28.01 -13.57
C LYS C 189 -22.58 -29.27 -14.25
N PRO C 190 -22.71 -29.38 -15.58
CA PRO C 190 -22.39 -30.67 -16.23
C PRO C 190 -20.92 -31.05 -16.17
N TYR C 191 -20.02 -30.09 -16.34
CA TYR C 191 -18.59 -30.36 -16.38
C TYR C 191 -17.86 -29.55 -15.31
N PRO C 192 -16.69 -30.01 -14.87
CA PRO C 192 -15.84 -29.18 -14.02
C PRO C 192 -15.23 -28.04 -14.81
N MET C 193 -14.83 -26.99 -14.09
CA MET C 193 -14.34 -25.77 -14.70
C MET C 193 -12.85 -25.62 -14.40
N ASN C 194 -12.02 -25.66 -15.44
CA ASN C 194 -10.59 -25.46 -15.33
C ASN C 194 -10.26 -24.03 -15.75
N HIS C 195 -9.57 -23.30 -14.89
CA HIS C 195 -9.25 -21.90 -15.13
C HIS C 195 -7.80 -21.69 -15.57
N GLY C 196 -7.04 -22.76 -15.76
CA GLY C 196 -5.66 -22.64 -16.21
C GLY C 196 -4.64 -22.78 -15.10
N ASP C 203 0.87 -16.88 -7.22
CA ASP C 203 0.65 -18.07 -6.40
C ASP C 203 -0.66 -18.76 -6.76
N TRP C 204 -0.91 -19.91 -6.13
CA TRP C 204 -2.21 -20.56 -6.25
C TRP C 204 -3.33 -19.59 -5.87
N THR C 205 -3.20 -18.94 -4.72
CA THR C 205 -4.19 -17.95 -4.31
C THR C 205 -4.24 -16.80 -5.30
N ASP C 206 -3.12 -16.47 -5.94
CA ASP C 206 -3.11 -15.37 -6.92
C ASP C 206 -4.06 -15.67 -8.08
N LYS C 207 -3.95 -16.87 -8.66
CA LYS C 207 -4.84 -17.22 -9.77
C LYS C 207 -6.29 -17.28 -9.32
N PHE C 208 -6.53 -17.71 -8.08
CA PHE C 208 -7.88 -17.73 -7.55
C PHE C 208 -8.43 -16.31 -7.38
N ARG C 209 -7.59 -15.38 -6.93
CA ARG C 209 -7.98 -13.97 -6.90
C ARG C 209 -8.36 -13.49 -8.29
N ARG C 210 -7.53 -13.80 -9.28
CA ARG C 210 -7.79 -13.36 -10.64
C ARG C 210 -9.14 -13.87 -11.12
N VAL C 211 -9.38 -15.18 -10.94
CA VAL C 211 -10.64 -15.77 -11.39
C VAL C 211 -11.82 -15.21 -10.59
N MET C 212 -11.63 -14.91 -9.31
CA MET C 212 -12.72 -14.37 -8.51
C MET C 212 -13.01 -12.91 -8.86
N ALA C 213 -11.98 -12.15 -9.24
CA ALA C 213 -12.19 -10.78 -9.70
C ALA C 213 -12.87 -10.75 -11.05
N GLU C 214 -12.51 -11.70 -11.93
CA GLU C 214 -13.25 -11.85 -13.18
C GLU C 214 -14.71 -12.20 -12.92
N ARG C 215 -14.94 -13.16 -12.02
CA ARG C 215 -16.31 -13.53 -11.66
C ARG C 215 -17.03 -12.39 -10.96
N LEU C 216 -16.30 -11.58 -10.19
CA LEU C 216 -16.88 -10.46 -9.45
C LEU C 216 -17.98 -10.94 -8.49
N PHE C 227 -22.59 -12.37 0.91
CA PHE C 227 -22.31 -13.77 0.60
C PHE C 227 -21.50 -14.42 1.72
N ASN C 228 -20.89 -15.56 1.42
CA ASN C 228 -20.04 -16.25 2.38
C ASN C 228 -18.95 -16.99 1.61
N LEU C 229 -17.72 -16.49 1.72
CA LEU C 229 -16.56 -17.20 1.20
C LEU C 229 -15.83 -17.84 2.36
N MET C 230 -15.51 -19.13 2.23
CA MET C 230 -14.83 -19.87 3.27
C MET C 230 -13.63 -20.58 2.67
N ALA C 231 -12.63 -20.83 3.52
CA ALA C 231 -11.43 -21.54 3.13
C ALA C 231 -11.22 -22.72 4.05
N VAL C 232 -11.10 -23.91 3.47
CA VAL C 232 -10.71 -25.09 4.24
C VAL C 232 -9.22 -24.96 4.55
N VAL C 233 -8.88 -24.93 5.84
CA VAL C 233 -7.51 -24.73 6.27
C VAL C 233 -7.17 -25.78 7.32
N PRO C 234 -5.89 -26.04 7.56
CA PRO C 234 -5.52 -26.91 8.68
C PRO C 234 -5.77 -26.22 10.00
N ASP C 235 -5.72 -27.02 11.06
CA ASP C 235 -5.94 -26.49 12.41
C ASP C 235 -4.95 -25.37 12.68
N ARG C 236 -5.47 -24.17 12.91
CA ARG C 236 -4.62 -23.00 13.13
C ARG C 236 -3.88 -23.04 14.47
N ARG C 237 -4.02 -24.11 15.26
CA ARG C 237 -3.42 -24.16 16.59
C ARG C 237 -2.10 -24.91 16.62
N ILE C 238 -1.87 -25.85 15.71
CA ILE C 238 -0.59 -26.55 15.69
C ILE C 238 0.52 -25.62 15.19
N ALA C 239 0.21 -24.83 14.16
CA ALA C 239 1.21 -23.88 13.66
C ALA C 239 1.49 -22.79 14.68
N ILE C 240 0.45 -22.30 15.37
CA ILE C 240 0.66 -21.28 16.39
C ILE C 240 1.45 -21.84 17.56
N THR C 241 1.17 -23.09 17.95
CA THR C 241 1.91 -23.70 19.05
C THR C 241 3.39 -23.88 18.68
N HIS C 242 3.66 -24.36 17.46
CA HIS C 242 5.05 -24.50 17.06
C HIS C 242 5.74 -23.13 16.96
N LYS C 243 5.03 -22.11 16.49
CA LYS C 243 5.61 -20.78 16.42
C LYS C 243 5.94 -20.26 17.82
N LEU C 244 5.06 -20.51 18.79
CA LEU C 244 5.34 -20.12 20.16
C LEU C 244 6.56 -20.86 20.70
N LYS C 245 6.68 -22.15 20.39
CA LYS C 245 7.85 -22.90 20.82
C LYS C 245 9.14 -22.30 20.26
N MET C 246 9.15 -21.99 18.96
CA MET C 246 10.35 -21.44 18.35
C MET C 246 10.65 -20.04 18.90
N LEU C 247 9.61 -19.21 19.10
CA LEU C 247 9.82 -17.86 19.60
C LEU C 247 10.33 -17.88 21.03
N ARG C 248 9.86 -18.82 21.84
CA ARG C 248 10.34 -18.91 23.22
C ARG C 248 11.77 -19.44 23.27
N THR C 249 12.11 -20.38 22.39
CA THR C 249 13.51 -20.80 22.28
C THR C 249 14.40 -19.62 21.89
N ASN C 250 13.97 -18.85 20.89
CA ASN C 250 14.75 -17.71 20.42
C ASN C 250 14.92 -16.67 21.52
N GLN C 251 13.85 -16.42 22.28
CA GLN C 251 13.93 -15.46 23.38
C GLN C 251 14.85 -15.95 24.47
N ALA C 252 14.82 -17.25 24.79
CA ALA C 252 15.76 -17.80 25.76
C ALA C 252 17.19 -17.56 25.30
N ILE C 253 17.48 -17.84 24.02
CA ILE C 253 18.84 -17.65 23.50
C ILE C 253 19.27 -16.19 23.61
N VAL C 254 18.39 -15.28 23.18
CA VAL C 254 18.75 -13.86 23.15
C VAL C 254 18.92 -13.31 24.56
N SER C 255 18.03 -13.69 25.48
CA SER C 255 18.18 -13.27 26.86
C SER C 255 19.47 -13.80 27.47
N GLY C 256 19.86 -15.03 27.10
CA GLY C 256 21.15 -15.53 27.52
C GLY C 256 22.29 -14.70 26.97
N THR C 257 22.19 -14.30 25.70
CA THR C 257 23.23 -13.46 25.11
C THR C 257 23.37 -12.14 25.85
N LEU C 258 22.24 -11.51 26.18
CA LEU C 258 22.28 -10.24 26.92
C LEU C 258 22.86 -10.44 28.32
N GLN C 259 22.39 -11.46 29.04
CA GLN C 259 22.89 -11.73 30.39
C GLN C 259 24.39 -12.01 30.36
N LYS C 260 24.86 -12.69 29.33
CA LYS C 260 26.28 -13.04 29.23
C LYS C 260 27.12 -11.84 28.84
N LEU C 261 26.57 -10.95 28.01
CA LEU C 261 27.26 -9.71 27.67
C LEU C 261 27.34 -8.77 28.88
N LEU C 262 26.35 -8.83 29.77
CA LEU C 262 26.38 -8.00 30.98
C LEU C 262 27.56 -8.37 31.87
N LYS C 263 27.68 -9.67 32.20
CA LYS C 263 28.72 -10.10 33.13
C LYS C 263 30.13 -9.92 32.56
N ALA C 264 30.25 -9.75 31.25
CA ALA C 264 31.55 -9.54 30.63
C ALA C 264 31.91 -8.05 30.63
N GLY C 269 26.32 -0.15 23.64
CA GLY C 269 25.49 -0.12 22.46
C GLY C 269 24.89 -1.48 22.11
N SER C 270 25.70 -2.54 22.27
CA SER C 270 25.20 -3.88 22.03
C SER C 270 24.01 -4.20 22.93
N ALA C 271 24.07 -3.77 24.19
CA ALA C 271 23.00 -4.07 25.13
C ALA C 271 21.67 -3.41 24.72
N ARG C 272 21.74 -2.16 24.27
CA ARG C 272 20.52 -1.48 23.81
C ARG C 272 19.83 -2.28 22.70
N ASP C 273 20.59 -2.72 21.70
CA ASP C 273 20.03 -3.49 20.59
C ASP C 273 19.42 -4.79 21.08
N LEU C 274 20.10 -5.50 21.99
CA LEU C 274 19.57 -6.75 22.52
C LEU C 274 18.28 -6.50 23.30
N GLN C 275 18.18 -5.39 24.01
CA GLN C 275 16.92 -5.04 24.67
C GLN C 275 15.81 -4.85 23.66
N SER C 276 16.09 -4.14 22.56
CA SER C 276 15.07 -3.96 21.53
C SER C 276 14.65 -5.30 20.92
N LEU C 277 15.63 -6.19 20.69
CA LEU C 277 15.32 -7.50 20.12
C LEU C 277 14.47 -8.33 21.06
N LEU C 278 14.78 -8.29 22.36
CA LEU C 278 13.97 -9.02 23.34
C LEU C 278 12.56 -8.43 23.42
N LYS C 279 12.44 -7.11 23.30
CA LYS C 279 11.13 -6.48 23.29
C LYS C 279 10.30 -6.97 22.09
N ASN C 280 10.93 -7.03 20.91
CA ASN C 280 10.23 -7.54 19.73
C ASN C 280 9.83 -8.99 19.91
N LEU C 281 10.72 -9.82 20.45
CA LEU C 281 10.38 -11.23 20.64
C LEU C 281 9.24 -11.41 21.63
N ASP C 282 9.26 -10.65 22.73
CA ASP C 282 8.16 -10.71 23.69
C ASP C 282 6.85 -10.27 23.04
N THR C 283 6.91 -9.26 22.17
CA THR C 283 5.71 -8.82 21.46
C THR C 283 5.15 -9.93 20.59
N GLU C 284 6.01 -10.55 19.77
CA GLU C 284 5.58 -11.66 18.93
C GLU C 284 4.97 -12.78 19.76
N ILE C 285 5.61 -13.11 20.89
CA ILE C 285 5.11 -14.18 21.74
C ILE C 285 3.74 -13.84 22.29
N ALA C 286 3.54 -12.60 22.72
CA ALA C 286 2.23 -12.20 23.24
C ALA C 286 1.16 -12.25 22.16
N ILE C 287 1.50 -11.78 20.95
CA ILE C 287 0.55 -11.83 19.84
C ILE C 287 0.15 -13.26 19.53
N ASN C 288 1.12 -14.18 19.51
CA ASN C 288 0.80 -15.56 19.17
C ASN C 288 0.04 -16.26 20.31
N GLU C 289 0.35 -15.92 21.57
CA GLU C 289 -0.43 -16.43 22.69
C GLU C 289 -1.89 -15.98 22.56
N GLN C 290 -2.11 -14.72 22.19
CA GLN C 290 -3.47 -14.23 22.03
C GLN C 290 -4.15 -14.90 20.84
N HIS C 291 -3.41 -15.19 19.76
CA HIS C 291 -4.00 -15.90 18.63
C HIS C 291 -4.44 -17.31 19.04
N LEU C 292 -3.60 -18.01 19.81
CA LEU C 292 -3.98 -19.35 20.27
C LEU C 292 -5.19 -19.31 21.19
N ALA C 293 -5.24 -18.32 22.09
CA ALA C 293 -6.43 -18.17 22.93
C ALA C 293 -7.66 -17.86 22.08
N ASP C 294 -7.50 -17.03 21.05
CA ASP C 294 -8.61 -16.75 20.14
C ASP C 294 -9.11 -18.01 19.48
N GLU C 295 -8.20 -18.87 19.01
CA GLU C 295 -8.63 -20.10 18.34
C GLU C 295 -9.34 -21.04 19.31
N ASN C 296 -8.83 -21.17 20.54
CA ASN C 296 -9.50 -22.04 21.52
C ASN C 296 -10.89 -21.52 21.86
N ASP C 297 -11.01 -20.21 22.12
CA ASP C 297 -12.31 -19.65 22.44
C ASP C 297 -13.26 -19.70 21.24
N ARG C 298 -12.72 -19.58 20.03
CA ARG C 298 -13.54 -19.69 18.84
C ARG C 298 -14.07 -21.11 18.67
N ARG C 299 -13.27 -22.11 19.02
CA ARG C 299 -13.78 -23.48 18.97
C ARG C 299 -14.82 -23.74 20.05
N HIS C 300 -14.65 -23.15 21.22
CA HIS C 300 -15.68 -23.29 22.25
C HIS C 300 -16.99 -22.62 21.83
N MET C 301 -16.90 -21.46 21.18
CA MET C 301 -18.08 -20.81 20.63
C MET C 301 -18.69 -21.62 19.50
N PHE C 302 -17.86 -22.28 18.69
CA PHE C 302 -18.37 -23.22 17.70
C PHE C 302 -19.18 -24.32 18.37
N LYS C 303 -18.70 -24.81 19.51
CA LYS C 303 -19.42 -25.86 20.24
C LYS C 303 -20.78 -25.36 20.71
N VAL C 304 -20.81 -24.25 21.45
CA VAL C 304 -22.07 -23.86 22.09
C VAL C 304 -23.04 -23.26 21.08
N ASP C 305 -22.53 -22.54 20.06
CA ASP C 305 -23.40 -21.98 19.03
C ASP C 305 -24.14 -23.09 18.28
N ALA C 306 -23.41 -24.14 17.88
CA ALA C 306 -24.05 -25.26 17.21
C ALA C 306 -25.05 -25.96 18.11
N SER C 307 -24.71 -26.16 19.38
CA SER C 307 -25.60 -26.87 20.29
C SER C 307 -26.86 -26.05 20.58
N ARG C 308 -26.73 -24.72 20.65
CA ARG C 308 -27.89 -23.87 20.91
C ARG C 308 -28.92 -23.97 19.79
N ARG C 309 -28.50 -23.72 18.56
CA ARG C 309 -29.40 -23.66 17.41
C ARG C 309 -29.74 -25.03 16.83
N THR C 310 -29.19 -26.13 17.36
CA THR C 310 -29.48 -27.48 16.84
C THR C 310 -30.89 -27.91 17.18
#